data_6FT9
#
_entry.id   6FT9
#
_cell.length_a   56.400
_cell.length_b   116.301
_cell.length_c   91.330
_cell.angle_alpha   90.00
_cell.angle_beta   98.98
_cell.angle_gamma   90.00
#
_symmetry.space_group_name_H-M   'P 1 21 1'
#
loop_
_entity.id
_entity.type
_entity.pdbx_description
1 polymer 'Dual specificity protein kinase CLK1'
2 non-polymer 2-bromanyl-3-phenyl-1~{H}-pyrrolo[3,4-g]indol-8-one
3 non-polymer 'BROMIDE ION'
4 non-polymer 'PHOSPHATE ION'
5 non-polymer GLYCEROL
6 non-polymer 'SODIUM ION'
7 water water
#
_entity_poly.entity_id   1
_entity_poly.type   'polypeptide(L)'
_entity_poly.pdbx_seq_one_letter_code
;SMHLICQSGDVLSARYEIVDTLGEGAFGKVVECIDHKAGGRHVAVKIVKNVDRYCEAARSEIQVLEHLNTTDPNSTFRCV
QMLEWFEHHGHICIVFELLGLSTYDFIKENGFLPFRLDHIRKMAYQICKSVNFLHSNKLTHTDLKPENILFVQSDYTEAY
NPKIKRDERTLINPDIKVVDFGSATYDDEHHSTLVSTRHYRAPEVILALGWSQPCDVWSIGCILIEYYLGFTVFPTHDSK
EHLAMMERILGPLPKHMIQKTRKRKYFHHDRLDWDEHSSAGRYVSRACKPLKEFMLSQDVEHERLFDLIQKMLEYDPAKR
ITLREALKHPFFDLLKKSI
;
_entity_poly.pdbx_strand_id   A,B,C
#
loop_
_chem_comp.id
_chem_comp.type
_chem_comp.name
_chem_comp.formula
BR non-polymer 'BROMIDE ION' 'Br -1'
E6W non-polymer 2-bromanyl-3-phenyl-1~{H}-pyrrolo[3,4-g]indol-8-one 'C16 H9 Br N2 O'
GOL non-polymer GLYCEROL 'C3 H8 O3'
NA non-polymer 'SODIUM ION' 'Na 1'
PO4 non-polymer 'PHOSPHATE ION' 'O4 P -3'
#
# COMPACT_ATOMS: atom_id res chain seq x y z
N MET A 2 12.63 25.84 -23.42
CA MET A 2 12.53 26.83 -22.35
C MET A 2 13.54 27.97 -22.52
N HIS A 3 14.73 27.61 -22.96
CA HIS A 3 15.83 28.50 -23.29
C HIS A 3 15.36 29.68 -24.18
N LEU A 4 14.35 29.46 -24.96
CA LEU A 4 13.95 30.50 -25.88
C LEU A 4 13.07 31.57 -25.26
N ILE A 5 12.57 31.31 -24.05
CA ILE A 5 11.62 32.20 -23.39
C ILE A 5 12.00 32.60 -21.96
N CYS A 6 13.20 32.20 -21.52
CA CYS A 6 13.62 32.49 -20.14
C CYS A 6 14.84 33.39 -20.09
N GLN A 7 15.13 34.13 -21.15
CA GLN A 7 16.30 35.02 -21.25
C GLN A 7 16.09 36.39 -20.63
N SER A 8 17.19 37.01 -20.14
CA SER A 8 17.18 38.39 -19.67
C SER A 8 16.54 39.24 -20.67
N GLY A 9 15.58 40.04 -20.23
CA GLY A 9 14.89 40.94 -21.13
C GLY A 9 13.60 40.39 -21.66
N ASP A 10 13.39 39.09 -21.61
CA ASP A 10 12.14 38.55 -22.13
C ASP A 10 11.00 39.06 -21.24
N VAL A 11 9.83 39.28 -21.82
CA VAL A 11 8.67 39.67 -21.03
C VAL A 11 7.65 38.55 -20.99
N LEU A 12 7.20 38.23 -19.80
CA LEU A 12 6.21 37.21 -19.57
C LEU A 12 4.81 37.84 -19.29
N SER A 13 3.78 37.33 -19.97
CA SER A 13 2.40 37.70 -19.69
C SER A 13 2.16 39.21 -19.78
N ALA A 14 2.90 39.86 -20.65
CA ALA A 14 2.86 41.31 -20.88
C ALA A 14 3.03 42.12 -19.61
N ARG A 15 3.88 41.65 -18.71
CA ARG A 15 3.99 42.23 -17.40
C ARG A 15 5.36 42.05 -16.72
N TYR A 16 5.90 40.83 -16.75
CA TYR A 16 7.10 40.51 -15.96
C TYR A 16 8.34 40.49 -16.84
N GLU A 17 9.26 41.40 -16.63
CA GLU A 17 10.49 41.43 -17.42
C GLU A 17 11.59 40.61 -16.72
N ILE A 18 12.10 39.60 -17.39
CA ILE A 18 13.14 38.78 -16.77
C ILE A 18 14.45 39.56 -16.58
N VAL A 19 14.99 39.49 -15.37
CA VAL A 19 16.29 40.10 -15.01
C VAL A 19 17.41 39.06 -15.14
N ASP A 20 17.32 37.96 -14.40
CA ASP A 20 18.27 36.87 -14.53
C ASP A 20 17.71 35.61 -13.92
N THR A 21 18.45 34.51 -14.00
CA THR A 21 18.06 33.23 -13.40
C THR A 21 18.50 33.09 -11.99
N LEU A 22 17.61 32.68 -11.13
CA LEU A 22 17.93 32.52 -9.72
C LEU A 22 18.39 31.10 -9.46
N GLY A 23 17.79 30.16 -10.13
CA GLY A 23 18.23 28.77 -9.96
C GLY A 23 17.52 27.89 -10.92
N GLU A 24 18.07 26.69 -11.14
CA GLU A 24 17.52 25.71 -12.04
C GLU A 24 17.35 24.41 -11.29
N GLY A 25 16.35 23.66 -11.69
CA GLY A 25 16.07 22.39 -11.07
C GLY A 25 15.63 21.43 -12.16
N ALA A 26 15.25 20.23 -11.74
CA ALA A 26 14.70 19.27 -12.66
C ALA A 26 13.44 19.85 -13.35
N PHE A 27 12.66 20.59 -12.57
CA PHE A 27 11.35 21.09 -12.95
C PHE A 27 11.40 22.19 -14.01
N GLY A 28 12.55 22.83 -14.19
CA GLY A 28 12.63 24.06 -15.00
C GLY A 28 13.54 25.03 -14.28
N LYS A 29 13.13 26.29 -14.14
CA LYS A 29 13.99 27.29 -13.53
C LYS A 29 13.18 28.36 -12.86
N VAL A 30 13.83 29.10 -11.99
CA VAL A 30 13.21 30.24 -11.34
C VAL A 30 14.01 31.47 -11.75
N VAL A 31 13.29 32.49 -12.24
CA VAL A 31 13.91 33.71 -12.71
C VAL A 31 13.41 34.90 -11.88
N GLU A 32 14.27 35.89 -11.69
CA GLU A 32 13.91 37.11 -11.04
C GLU A 32 13.32 37.97 -12.16
N CYS A 33 12.20 38.63 -11.88
CA CYS A 33 11.57 39.54 -12.82
C CYS A 33 11.19 40.89 -12.22
N ILE A 34 11.15 41.91 -13.08
CA ILE A 34 10.54 43.23 -12.77
C ILE A 34 9.04 43.17 -13.13
N ASP A 35 8.18 43.45 -12.17
CA ASP A 35 6.76 43.49 -12.37
C ASP A 35 6.40 44.86 -12.77
N HIS A 36 6.27 45.06 -14.09
CA HIS A 36 5.97 46.35 -14.61
C HIS A 36 4.57 46.86 -14.31
N LYS A 37 3.68 46.00 -13.88
CA LYS A 37 2.37 46.47 -13.46
C LYS A 37 2.41 46.99 -12.00
N ALA A 38 3.30 46.50 -11.21
CA ALA A 38 3.23 46.78 -9.77
C ALA A 38 4.39 47.71 -9.45
N GLY A 39 4.54 48.68 -10.34
CA GLY A 39 5.50 49.77 -10.23
C GLY A 39 6.96 49.37 -10.25
N GLY A 40 7.31 48.21 -10.81
CA GLY A 40 8.69 47.80 -10.90
C GLY A 40 9.18 46.90 -9.82
N ARG A 41 8.30 46.49 -8.90
CA ARG A 41 8.65 45.54 -7.81
C ARG A 41 9.22 44.24 -8.43
N HIS A 42 10.29 43.71 -7.84
CA HIS A 42 10.88 42.46 -8.30
C HIS A 42 10.15 41.29 -7.68
N VAL A 43 10.00 40.25 -8.48
CA VAL A 43 9.37 39.04 -8.05
C VAL A 43 10.20 37.85 -8.56
N ALA A 44 9.80 36.66 -8.16
CA ALA A 44 10.40 35.38 -8.67
C ALA A 44 9.33 34.65 -9.44
N VAL A 45 9.69 34.20 -10.64
CA VAL A 45 8.77 33.44 -11.44
C VAL A 45 9.38 32.06 -11.72
N LYS A 46 8.67 31.04 -11.29
CA LYS A 46 9.02 29.66 -11.60
C LYS A 46 8.45 29.26 -12.96
N ILE A 47 9.34 29.00 -13.94
CA ILE A 47 8.96 28.57 -15.26
C ILE A 47 9.12 27.06 -15.31
N VAL A 48 8.01 26.37 -15.54
CA VAL A 48 7.96 24.95 -15.40
C VAL A 48 8.14 24.30 -16.77
N LYS A 49 8.95 23.26 -16.81
CA LYS A 49 9.07 22.50 -18.07
C LYS A 49 7.75 21.99 -18.60
N ASN A 50 7.63 21.99 -19.89
CA ASN A 50 6.39 21.58 -20.51
C ASN A 50 6.44 20.06 -20.68
N VAL A 51 6.39 19.36 -19.56
CA VAL A 51 6.59 17.91 -19.45
C VAL A 51 5.61 17.45 -18.37
N ASP A 52 4.85 16.39 -18.63
CA ASP A 52 3.68 16.01 -17.83
C ASP A 52 3.91 15.95 -16.35
N ARG A 53 4.97 15.28 -15.91
CA ARG A 53 5.17 15.11 -14.51
C ARG A 53 5.38 16.46 -13.85
N TYR A 54 6.05 17.40 -14.52
CA TYR A 54 6.33 18.71 -13.88
C TYR A 54 5.13 19.63 -13.97
N CYS A 55 4.39 19.57 -15.06
CA CYS A 55 3.06 20.25 -15.15
C CYS A 55 2.10 19.83 -14.01
N GLU A 56 2.00 18.53 -13.79
CA GLU A 56 1.18 17.96 -12.71
C GLU A 56 1.64 18.42 -11.34
N ALA A 57 2.94 18.40 -11.07
CA ALA A 57 3.46 18.87 -9.82
C ALA A 57 3.19 20.37 -9.64
N ALA A 58 3.32 21.15 -10.72
CA ALA A 58 3.07 22.59 -10.66
C ALA A 58 1.59 22.86 -10.32
N ARG A 59 0.68 22.11 -10.94
CA ARG A 59 -0.76 22.24 -10.64
C ARG A 59 -1.03 21.90 -9.16
N SER A 60 -0.37 20.85 -8.66
CA SER A 60 -0.52 20.46 -7.28
C SER A 60 0.03 21.53 -6.33
N GLU A 61 1.21 22.09 -6.66
CA GLU A 61 1.79 23.18 -5.88
C GLU A 61 0.85 24.38 -5.78
N ILE A 62 0.27 24.79 -6.89
CA ILE A 62 -0.67 25.90 -6.91
C ILE A 62 -1.84 25.64 -5.97
N GLN A 63 -2.37 24.43 -5.98
CA GLN A 63 -3.50 24.12 -5.08
C GLN A 63 -3.05 24.19 -3.62
N VAL A 64 -1.93 23.55 -3.29
CA VAL A 64 -1.41 23.54 -1.93
C VAL A 64 -1.18 24.99 -1.45
N LEU A 65 -0.58 25.84 -2.28
CA LEU A 65 -0.29 27.20 -1.88
C LEU A 65 -1.50 28.07 -1.76
N GLU A 66 -2.54 27.88 -2.58
CA GLU A 66 -3.79 28.63 -2.37
C GLU A 66 -4.35 28.31 -0.99
N HIS A 67 -4.32 27.04 -0.62
CA HIS A 67 -4.73 26.59 0.71
C HIS A 67 -3.83 27.21 1.82
N LEU A 68 -2.52 27.02 1.77
CA LEU A 68 -1.66 27.55 2.81
C LEU A 68 -1.66 29.07 2.90
N ASN A 69 -1.62 29.74 1.77
CA ASN A 69 -1.57 31.22 1.79
C ASN A 69 -2.90 31.84 2.23
N THR A 70 -4.02 31.16 1.99
CA THR A 70 -5.30 31.59 2.51
C THR A 70 -5.38 31.35 4.01
N THR A 71 -4.90 30.21 4.48
CA THR A 71 -4.98 29.89 5.92
C THR A 71 -4.03 30.79 6.75
N ASP A 72 -2.89 31.16 6.18
CA ASP A 72 -1.86 31.96 6.85
C ASP A 72 -1.50 33.12 5.89
N PRO A 73 -2.41 34.08 5.74
CA PRO A 73 -2.18 35.17 4.78
C PRO A 73 -0.96 36.04 5.10
N ASN A 74 -0.56 36.10 6.36
CA ASN A 74 0.58 36.90 6.76
C ASN A 74 1.87 36.14 6.78
N SER A 75 1.86 34.88 6.37
CA SER A 75 3.08 34.05 6.36
C SER A 75 3.75 33.99 7.75
N THR A 76 2.94 33.98 8.79
CA THR A 76 3.41 33.72 10.14
C THR A 76 4.21 32.46 10.18
N PHE A 77 3.84 31.44 9.40
CA PHE A 77 4.52 30.16 9.44
C PHE A 77 5.50 29.99 8.28
N ARG A 78 5.80 31.08 7.57
CA ARG A 78 6.99 31.18 6.71
C ARG A 78 7.00 30.23 5.50
N CYS A 79 5.83 29.83 5.05
CA CYS A 79 5.70 29.29 3.69
C CYS A 79 5.74 30.45 2.68
N VAL A 80 6.38 30.21 1.56
CA VAL A 80 6.43 31.25 0.50
C VAL A 80 5.05 31.70 0.06
N GLN A 81 4.94 32.97 -0.29
CA GLN A 81 3.73 33.55 -0.79
C GLN A 81 3.66 33.45 -2.32
N MET A 82 2.65 32.76 -2.82
CA MET A 82 2.39 32.69 -4.23
C MET A 82 1.51 33.89 -4.59
N LEU A 83 1.88 34.62 -5.62
CA LEU A 83 1.11 35.78 -6.06
C LEU A 83 0.11 35.51 -7.17
N GLU A 84 0.50 34.74 -8.17
CA GLU A 84 -0.39 34.35 -9.29
C GLU A 84 0.29 33.30 -10.14
N TRP A 85 -0.45 32.74 -11.06
CA TRP A 85 0.10 31.87 -12.05
C TRP A 85 -0.49 32.17 -13.43
N PHE A 86 0.22 31.80 -14.49
CA PHE A 86 -0.23 31.99 -15.84
C PHE A 86 0.49 30.98 -16.76
N GLU A 87 0.14 30.99 -18.04
CA GLU A 87 0.81 30.17 -19.04
C GLU A 87 1.48 31.06 -20.01
N HIS A 88 2.68 30.69 -20.37
CA HIS A 88 3.44 31.46 -21.31
C HIS A 88 4.16 30.53 -22.29
N HIS A 89 3.76 30.59 -23.56
CA HIS A 89 4.25 29.70 -24.58
C HIS A 89 4.21 28.24 -24.04
N GLY A 90 3.06 27.85 -23.52
CA GLY A 90 2.84 26.48 -23.12
C GLY A 90 3.55 26.05 -21.88
N HIS A 91 4.19 26.99 -21.15
CA HIS A 91 4.81 26.68 -19.89
C HIS A 91 3.98 27.29 -18.78
N ILE A 92 3.70 26.51 -17.75
CA ILE A 92 3.09 27.03 -16.56
C ILE A 92 4.13 27.90 -15.84
N CYS A 93 3.73 29.11 -15.44
CA CYS A 93 4.60 29.98 -14.67
C CYS A 93 3.91 30.38 -13.36
N ILE A 94 4.62 30.30 -12.24
CA ILE A 94 4.08 30.62 -10.93
C ILE A 94 4.89 31.78 -10.41
N VAL A 95 4.18 32.86 -10.06
CA VAL A 95 4.81 34.06 -9.53
C VAL A 95 4.80 33.98 -8.02
N PHE A 96 5.94 34.26 -7.44
CA PHE A 96 6.10 34.29 -6.00
C PHE A 96 6.74 35.60 -5.53
N GLU A 97 6.61 35.91 -4.24
CA GLU A 97 7.50 36.93 -3.61
C GLU A 97 8.95 36.57 -3.84
N LEU A 98 9.77 37.58 -4.06
CA LEU A 98 11.19 37.35 -4.30
C LEU A 98 11.95 37.15 -2.99
N LEU A 99 12.73 36.10 -2.90
CA LEU A 99 13.50 35.81 -1.66
C LEU A 99 14.98 35.90 -2.03
N GLY A 100 15.87 35.70 -1.09
CA GLY A 100 17.31 35.69 -1.37
C GLY A 100 17.79 34.27 -1.69
N LEU A 101 19.11 34.07 -1.54
CA LEU A 101 19.76 32.78 -1.83
C LEU A 101 19.20 31.65 -1.01
N SER A 102 19.21 30.45 -1.60
CA SER A 102 18.89 29.28 -0.79
C SER A 102 20.01 29.06 0.22
N THR A 103 19.66 28.36 1.28
CA THR A 103 20.66 28.02 2.29
C THR A 103 21.77 27.19 1.68
N TYR A 104 21.44 26.38 0.66
CA TYR A 104 22.45 25.59 -0.03
C TYR A 104 23.43 26.48 -0.78
N ASP A 105 22.88 27.42 -1.53
CA ASP A 105 23.77 28.30 -2.31
C ASP A 105 24.64 29.18 -1.44
N PHE A 106 24.13 29.58 -0.30
CA PHE A 106 24.92 30.38 0.59
C PHE A 106 26.13 29.59 1.10
N ILE A 107 25.87 28.37 1.51
CA ILE A 107 26.98 27.43 1.92
C ILE A 107 27.99 27.22 0.82
N LYS A 108 27.50 26.97 -0.38
CA LYS A 108 28.39 26.71 -1.53
C LYS A 108 29.19 27.95 -1.86
N GLU A 109 28.53 29.11 -1.90
CA GLU A 109 29.25 30.31 -2.23
C GLU A 109 30.24 30.70 -1.19
N ASN A 110 30.04 30.25 0.04
CA ASN A 110 30.96 30.59 1.12
C ASN A 110 32.00 29.49 1.28
N GLY A 111 32.21 28.68 0.25
CA GLY A 111 33.24 27.68 0.25
C GLY A 111 32.95 26.44 1.09
N PHE A 112 31.68 26.09 1.24
CA PHE A 112 31.21 24.94 2.03
C PHE A 112 31.69 25.05 3.50
N LEU A 113 31.54 26.26 4.04
CA LEU A 113 31.68 26.52 5.46
C LEU A 113 30.30 26.44 6.15
N PRO A 114 30.29 26.03 7.42
CA PRO A 114 29.03 25.90 8.13
C PRO A 114 28.48 27.28 8.56
N PHE A 115 27.21 27.29 8.96
CA PHE A 115 26.64 28.45 9.63
C PHE A 115 27.09 28.50 11.11
N ARG A 116 27.09 29.69 11.70
CA ARG A 116 27.35 29.82 13.14
C ARG A 116 26.19 29.20 13.93
N LEU A 117 26.47 28.70 15.15
CA LEU A 117 25.44 28.03 15.91
C LEU A 117 24.19 28.90 16.19
N ASP A 118 24.37 30.16 16.51
CA ASP A 118 23.23 31.00 16.82
C ASP A 118 22.31 31.22 15.63
N HIS A 119 22.90 31.25 14.45
CA HIS A 119 22.06 31.22 13.24
C HIS A 119 21.34 29.90 12.99
N ILE A 120 22.03 28.78 13.21
CA ILE A 120 21.42 27.50 13.09
C ILE A 120 20.22 27.38 14.01
N ARG A 121 20.39 27.82 15.25
CA ARG A 121 19.27 27.79 16.18
C ARG A 121 18.01 28.52 15.67
N LYS A 122 18.20 29.72 15.17
CA LYS A 122 17.07 30.50 14.58
C LYS A 122 16.48 29.88 13.35
N MET A 123 17.35 29.44 12.46
CA MET A 123 16.89 28.78 11.24
C MET A 123 16.17 27.50 11.54
N ALA A 124 16.72 26.66 12.43
CA ALA A 124 16.07 25.43 12.82
C ALA A 124 14.70 25.69 13.40
N TYR A 125 14.60 26.68 14.27
CA TYR A 125 13.30 26.96 14.89
C TYR A 125 12.29 27.32 13.81
N GLN A 126 12.70 28.17 12.90
CA GLN A 126 11.78 28.57 11.81
C GLN A 126 11.38 27.47 10.91
N ILE A 127 12.34 26.61 10.57
CA ILE A 127 12.05 25.45 9.71
C ILE A 127 11.05 24.55 10.43
N CYS A 128 11.28 24.29 11.72
CA CYS A 128 10.38 23.38 12.44
C CYS A 128 8.98 23.98 12.57
N LYS A 129 8.92 25.30 12.78
CA LYS A 129 7.67 25.94 12.94
C LYS A 129 6.87 25.88 11.64
N SER A 130 7.55 26.18 10.53
CA SER A 130 6.95 26.19 9.24
C SER A 130 6.40 24.82 8.81
N VAL A 131 7.24 23.79 8.94
CA VAL A 131 6.85 22.44 8.56
C VAL A 131 5.82 21.88 9.55
N ASN A 132 5.90 22.28 10.84
CA ASN A 132 4.88 21.87 11.75
C ASN A 132 3.50 22.40 11.35
N PHE A 133 3.46 23.59 10.77
CA PHE A 133 2.22 24.17 10.30
C PHE A 133 1.65 23.28 9.18
N LEU A 134 2.52 22.80 8.31
CA LEU A 134 2.09 21.84 7.29
C LEU A 134 1.55 20.59 7.95
N HIS A 135 2.32 20.05 8.89
CA HIS A 135 1.90 18.85 9.62
C HIS A 135 0.59 19.03 10.37
N SER A 136 0.27 20.26 10.80
CA SER A 136 -1.02 20.53 11.44
C SER A 136 -2.16 20.60 10.49
N ASN A 137 -1.86 20.70 9.21
CA ASN A 137 -2.87 20.82 8.19
C ASN A 137 -2.90 19.59 7.26
N LYS A 138 -2.54 18.44 7.82
CA LYS A 138 -2.64 17.14 7.15
C LYS A 138 -1.75 17.06 5.89
N LEU A 139 -0.59 17.73 5.94
CA LEU A 139 0.34 17.76 4.82
C LEU A 139 1.72 17.29 5.24
N THR A 140 2.41 16.66 4.28
CA THR A 140 3.80 16.32 4.42
C THR A 140 4.49 16.94 3.19
N HIS A 141 5.60 17.65 3.39
CA HIS A 141 6.31 18.32 2.29
C HIS A 141 6.96 17.28 1.36
N THR A 142 7.74 16.37 1.98
CA THR A 142 8.44 15.26 1.34
C THR A 142 9.75 15.62 0.62
N ASP A 143 10.04 16.88 0.39
CA ASP A 143 11.24 17.25 -0.35
C ASP A 143 12.00 18.36 0.30
N LEU A 144 12.13 18.29 1.62
CA LEU A 144 12.88 19.28 2.36
C LEU A 144 14.36 19.04 2.15
N LYS A 145 15.09 20.11 1.84
CA LYS A 145 16.51 20.08 1.54
C LYS A 145 17.00 21.51 1.58
N PRO A 146 18.31 21.71 1.68
CA PRO A 146 18.76 23.08 1.86
C PRO A 146 18.43 23.98 0.68
N GLU A 147 18.32 23.40 -0.50
CA GLU A 147 17.90 24.17 -1.71
C GLU A 147 16.50 24.73 -1.63
N ASN A 148 15.65 24.11 -0.81
CA ASN A 148 14.25 24.49 -0.64
C ASN A 148 14.00 25.33 0.61
N ILE A 149 15.08 25.75 1.29
CA ILE A 149 14.99 26.69 2.42
C ILE A 149 15.74 27.91 2.00
N LEU A 150 15.04 29.02 1.88
CA LEU A 150 15.61 30.26 1.30
C LEU A 150 15.68 31.34 2.34
N PHE A 151 16.75 32.11 2.32
CA PHE A 151 16.83 33.25 3.16
C PHE A 151 15.88 34.29 2.62
N VAL A 152 15.19 34.95 3.54
CA VAL A 152 14.41 36.12 3.19
C VAL A 152 15.32 37.21 2.60
N GLN A 153 16.47 37.43 3.21
CA GLN A 153 17.52 38.27 2.66
C GLN A 153 18.85 37.58 2.90
N SER A 154 19.64 37.47 1.85
CA SER A 154 20.95 36.75 1.99
C SER A 154 22.18 37.70 2.08
N ASP A 155 21.94 38.98 2.33
CA ASP A 155 23.00 39.94 2.53
CA ASP A 155 23.03 39.92 2.51
C ASP A 155 23.98 39.47 3.65
N TYR A 156 25.24 39.79 3.50
CA TYR A 156 26.29 39.35 4.41
C TYR A 156 27.33 40.42 4.54
N THR A 157 28.10 40.37 5.61
CA THR A 157 29.33 41.13 5.74
C THR A 157 30.49 40.17 5.47
N GLU A 158 31.64 40.71 5.06
CA GLU A 158 32.74 39.87 4.56
C GLU A 158 34.02 40.41 5.14
N ALA A 159 34.78 39.55 5.79
CA ALA A 159 36.08 39.96 6.33
C ALA A 159 37.07 38.80 6.23
N TYR A 160 38.35 39.16 6.14
CA TYR A 160 39.43 38.20 6.33
C TYR A 160 39.35 37.64 7.76
N ASN A 161 39.38 36.33 7.88
CA ASN A 161 39.45 35.69 9.18
C ASN A 161 40.82 34.99 9.33
N PRO A 162 41.73 35.57 10.15
CA PRO A 162 43.08 35.02 10.33
C PRO A 162 43.07 33.55 10.77
N LYS A 163 42.18 33.21 11.68
CA LYS A 163 42.05 31.82 12.13
C LYS A 163 42.01 30.75 11.00
N ILE A 164 41.16 30.91 9.98
CA ILE A 164 41.13 29.94 8.85
C ILE A 164 41.85 30.47 7.59
N LYS A 165 42.58 31.58 7.74
CA LYS A 165 43.35 32.23 6.66
C LYS A 165 42.60 32.40 5.32
N ARG A 166 41.32 32.75 5.40
CA ARG A 166 40.48 32.97 4.21
C ARG A 166 39.44 34.05 4.52
N ASP A 167 39.02 34.80 3.48
CA ASP A 167 37.86 35.66 3.60
C ASP A 167 36.65 34.85 3.92
N GLU A 168 35.70 35.50 4.58
CA GLU A 168 34.56 34.79 5.13
C GLU A 168 33.36 35.69 5.21
N ARG A 169 32.26 35.15 4.72
CA ARG A 169 31.00 35.84 4.70
C ARG A 169 30.21 35.49 5.96
N THR A 170 29.73 36.53 6.62
CA THR A 170 28.84 36.39 7.73
C THR A 170 27.46 36.92 7.42
N LEU A 171 26.49 36.04 7.51
CA LEU A 171 25.13 36.31 7.22
C LEU A 171 24.65 37.38 8.18
N ILE A 172 23.90 38.33 7.68
CA ILE A 172 23.31 39.41 8.49
C ILE A 172 21.98 38.99 9.13
N ASN A 173 21.02 38.54 8.33
CA ASN A 173 19.71 38.11 8.82
C ASN A 173 19.43 36.67 8.41
N PRO A 174 19.33 35.80 9.39
CA PRO A 174 19.17 34.38 9.06
C PRO A 174 17.71 33.96 8.87
N ASP A 175 16.73 34.88 8.83
CA ASP A 175 15.33 34.51 8.60
C ASP A 175 15.15 33.73 7.30
N ILE A 176 14.29 32.72 7.30
CA ILE A 176 14.07 31.85 6.17
C ILE A 176 12.60 31.69 5.83
N LYS A 177 12.35 31.22 4.61
CA LYS A 177 11.07 30.66 4.20
C LYS A 177 11.25 29.32 3.51
N VAL A 178 10.22 28.49 3.53
CA VAL A 178 10.24 27.19 2.91
C VAL A 178 9.56 27.31 1.52
N VAL A 179 10.14 26.68 0.49
CA VAL A 179 9.60 26.70 -0.85
C VAL A 179 9.39 25.28 -1.37
N ASP A 180 8.81 25.23 -2.56
CA ASP A 180 8.60 24.04 -3.38
C ASP A 180 7.61 23.06 -2.79
N PHE A 181 6.35 23.30 -3.10
CA PHE A 181 5.25 22.48 -2.58
C PHE A 181 4.66 21.57 -3.67
N GLY A 182 5.46 21.29 -4.70
CA GLY A 182 5.03 20.42 -5.77
C GLY A 182 5.01 18.97 -5.47
N SER A 183 5.62 18.53 -4.35
CA SER A 183 5.57 17.14 -3.94
C SER A 183 4.72 16.92 -2.67
N ALA A 184 4.27 18.00 -2.06
CA ALA A 184 3.58 17.96 -0.81
C ALA A 184 2.32 17.14 -0.98
N THR A 185 2.03 16.30 0.00
CA THR A 185 1.01 15.29 -0.10
C THR A 185 0.08 15.35 1.11
N TYR A 186 -1.23 15.33 0.87
CA TYR A 186 -2.22 15.32 1.95
C TYR A 186 -2.34 13.94 2.50
N ASP A 187 -2.68 13.86 3.79
CA ASP A 187 -2.82 12.60 4.46
C ASP A 187 -3.69 11.57 3.68
N ASP A 188 -4.74 12.05 3.02
CA ASP A 188 -5.67 11.11 2.39
CA ASP A 188 -5.69 11.15 2.37
C ASP A 188 -5.43 10.93 0.87
N GLU A 189 -4.31 11.42 0.34
CA GLU A 189 -3.99 11.29 -1.10
C GLU A 189 -3.03 10.15 -1.30
N HIS A 190 -2.83 9.78 -2.55
CA HIS A 190 -1.91 8.73 -2.91
C HIS A 190 -0.48 9.11 -2.51
N HIS A 191 0.18 8.20 -1.80
CA HIS A 191 1.60 8.34 -1.46
C HIS A 191 2.52 7.62 -2.49
N SER A 192 3.30 8.38 -3.25
CA SER A 192 4.32 7.72 -4.10
C SER A 192 5.23 6.86 -3.27
N THR A 193 5.69 5.77 -3.85
CA THR A 193 6.68 4.95 -3.14
C THR A 193 8.01 5.69 -2.88
N LEU A 194 8.46 6.43 -3.89
CA LEU A 194 9.68 7.20 -3.83
C LEU A 194 9.38 8.68 -3.58
N VAL A 195 9.86 9.19 -2.45
CA VAL A 195 9.88 10.65 -2.22
C VAL A 195 11.22 11.13 -1.67
N SER A 196 11.38 12.46 -1.67
CA SER A 196 12.55 13.17 -1.14
C SER A 196 13.72 12.98 -2.10
N THR A 197 14.60 13.96 -2.14
CA THR A 197 15.88 13.88 -2.81
C THR A 197 16.73 12.89 -1.97
N ARG A 198 17.50 12.04 -2.64
CA ARG A 198 18.12 10.93 -2.03
C ARG A 198 18.78 11.22 -0.72
N HIS A 199 19.56 12.30 -0.68
CA HIS A 199 20.42 12.54 0.48
C HIS A 199 19.60 12.84 1.72
N TYR A 200 18.33 13.26 1.55
CA TYR A 200 17.48 13.71 2.65
C TYR A 200 16.33 12.70 2.92
N ARG A 201 16.38 11.56 2.23
CA ARG A 201 15.35 10.57 2.26
C ARG A 201 15.42 9.68 3.54
N ALA A 202 14.25 9.50 4.17
CA ALA A 202 14.16 8.73 5.45
C ALA A 202 14.27 7.26 5.20
N PRO A 203 14.71 6.48 6.23
CA PRO A 203 14.87 5.09 6.02
C PRO A 203 13.58 4.38 5.67
N GLU A 204 12.46 4.81 6.21
CA GLU A 204 11.19 4.16 5.84
C GLU A 204 10.86 4.36 4.33
N VAL A 205 11.33 5.45 3.77
CA VAL A 205 11.14 5.70 2.35
C VAL A 205 12.09 4.80 1.55
N ILE A 206 13.36 4.77 1.93
CA ILE A 206 14.32 3.88 1.23
C ILE A 206 13.83 2.46 1.21
N LEU A 207 13.26 2.01 2.34
CA LEU A 207 12.85 0.66 2.51
C LEU A 207 11.42 0.41 2.02
N ALA A 208 10.80 1.44 1.49
CA ALA A 208 9.45 1.34 0.92
C ALA A 208 8.47 0.78 1.95
N LEU A 209 8.47 1.36 3.13
CA LEU A 209 7.67 0.89 4.23
C LEU A 209 6.43 1.75 4.41
N GLY A 210 6.31 2.80 3.61
CA GLY A 210 5.23 3.76 3.80
C GLY A 210 5.75 4.91 4.62
N TRP A 211 5.14 6.06 4.44
CA TRP A 211 5.68 7.26 5.04
C TRP A 211 4.59 8.25 5.29
N SER A 212 4.86 9.19 6.19
CA SER A 212 3.95 10.31 6.43
C SER A 212 4.78 11.43 7.04
N GLN A 213 4.20 12.23 7.90
CA GLN A 213 4.88 13.41 8.40
C GLN A 213 6.28 13.13 8.94
N PRO A 214 6.48 11.99 9.62
CA PRO A 214 7.82 11.80 10.19
C PRO A 214 8.96 11.86 9.16
N CYS A 215 8.69 11.54 7.91
CA CYS A 215 9.80 11.58 6.92
C CYS A 215 10.32 12.97 6.70
N ASP A 216 9.50 14.01 6.92
CA ASP A 216 9.95 15.40 6.93
C ASP A 216 10.92 15.67 8.09
N VAL A 217 10.62 15.09 9.25
CA VAL A 217 11.51 15.24 10.41
C VAL A 217 12.88 14.69 10.18
N TRP A 218 12.96 13.51 9.56
CA TRP A 218 14.21 12.95 9.14
C TRP A 218 14.98 13.92 8.24
N SER A 219 14.31 14.44 7.23
CA SER A 219 14.96 15.39 6.30
C SER A 219 15.50 16.61 7.02
N ILE A 220 14.69 17.16 7.91
CA ILE A 220 15.19 18.28 8.74
C ILE A 220 16.45 17.92 9.56
N GLY A 221 16.51 16.73 10.17
CA GLY A 221 17.71 16.35 10.89
C GLY A 221 18.93 16.41 9.98
N CYS A 222 18.76 15.89 8.77
CA CYS A 222 19.86 15.89 7.76
C CYS A 222 20.28 17.32 7.40
N ILE A 223 19.32 18.20 7.25
CA ILE A 223 19.58 19.58 6.95
C ILE A 223 20.34 20.27 8.08
N LEU A 224 19.93 20.04 9.31
CA LEU A 224 20.63 20.66 10.42
C LEU A 224 22.05 20.24 10.61
N ILE A 225 22.34 18.96 10.41
CA ILE A 225 23.71 18.51 10.50
C ILE A 225 24.54 19.13 9.38
N GLU A 226 23.92 19.31 8.23
CA GLU A 226 24.63 19.94 7.09
C GLU A 226 24.89 21.42 7.34
N TYR A 227 23.95 22.09 7.98
CA TYR A 227 24.21 23.47 8.43
C TYR A 227 25.37 23.59 9.41
N TYR A 228 25.47 22.60 10.29
CA TYR A 228 26.52 22.55 11.32
C TYR A 228 27.90 22.24 10.77
N LEU A 229 27.98 21.35 9.77
CA LEU A 229 29.23 20.90 9.28
C LEU A 229 29.64 21.58 7.94
N GLY A 230 28.64 21.99 7.16
CA GLY A 230 28.88 22.68 5.90
C GLY A 230 28.91 21.68 4.75
N PHE A 231 28.62 20.42 5.03
CA PHE A 231 28.59 19.42 3.95
C PHE A 231 27.50 18.42 4.18
N THR A 232 27.21 17.70 3.10
CA THR A 232 26.11 16.79 3.08
C THR A 232 26.57 15.57 3.82
N VAL A 233 25.74 15.06 4.66
CA VAL A 233 26.18 13.94 5.48
C VAL A 233 26.02 12.53 4.79
N PHE A 234 25.09 12.44 3.84
CA PHE A 234 24.90 11.17 3.09
C PHE A 234 25.02 11.45 1.59
N PRO A 235 26.21 11.69 1.12
CA PRO A 235 26.33 12.28 -0.26
C PRO A 235 26.22 11.26 -1.44
N THR A 236 26.16 9.99 -1.10
CA THR A 236 26.03 8.89 -2.07
C THR A 236 24.75 8.97 -2.97
N HIS A 237 24.77 8.29 -4.11
CA HIS A 237 23.58 8.08 -4.95
C HIS A 237 23.19 6.61 -4.99
N ASP A 238 23.69 5.79 -4.08
CA ASP A 238 23.39 4.39 -4.07
C ASP A 238 22.69 4.11 -2.76
N SER A 239 21.55 3.43 -2.84
CA SER A 239 20.70 3.23 -1.67
C SER A 239 21.36 2.31 -0.68
N LYS A 240 22.03 1.28 -1.17
CA LYS A 240 22.66 0.33 -0.23
C LYS A 240 23.79 1.02 0.55
N GLU A 241 24.59 1.82 -0.16
CA GLU A 241 25.67 2.58 0.45
C GLU A 241 25.13 3.62 1.42
N HIS A 242 23.98 4.19 1.09
CA HIS A 242 23.30 5.14 1.94
C HIS A 242 22.94 4.48 3.27
N LEU A 243 22.40 3.26 3.19
CA LEU A 243 22.03 2.57 4.39
C LEU A 243 23.32 2.22 5.18
N ALA A 244 24.38 1.88 4.49
CA ALA A 244 25.64 1.54 5.18
C ALA A 244 26.14 2.78 5.95
N MET A 245 25.99 3.94 5.34
CA MET A 245 26.43 5.19 5.95
C MET A 245 25.62 5.43 7.16
N MET A 246 24.30 5.22 7.04
CA MET A 246 23.43 5.36 8.17
C MET A 246 23.87 4.49 9.34
N GLU A 247 24.20 3.24 9.07
CA GLU A 247 24.60 2.31 10.14
C GLU A 247 25.86 2.75 10.82
N ARG A 248 26.81 3.30 10.05
CA ARG A 248 28.08 3.79 10.64
C ARG A 248 27.85 5.03 11.52
N ILE A 249 26.93 5.88 11.10
CA ILE A 249 26.66 7.10 11.85
C ILE A 249 25.70 6.89 13.02
N LEU A 250 24.72 6.02 12.83
CA LEU A 250 23.61 5.87 13.75
C LEU A 250 23.44 4.49 14.37
N GLY A 251 24.25 3.52 13.99
CA GLY A 251 24.02 2.14 14.45
C GLY A 251 23.07 1.34 13.57
N PRO A 252 22.88 0.08 13.91
CA PRO A 252 22.14 -0.81 13.03
C PRO A 252 20.67 -0.47 12.94
N LEU A 253 20.10 -0.75 11.78
CA LEU A 253 18.68 -0.51 11.56
C LEU A 253 17.85 -1.39 12.45
N PRO A 254 16.66 -0.94 12.83
CA PRO A 254 15.83 -1.86 13.62
C PRO A 254 15.46 -3.13 12.85
N LYS A 255 15.55 -4.28 13.52
CA LYS A 255 15.20 -5.55 12.89
C LYS A 255 13.75 -5.60 12.34
N HIS A 256 12.80 -5.01 13.05
CA HIS A 256 11.41 -5.07 12.57
C HIS A 256 11.26 -4.35 11.23
N MET A 257 12.06 -3.30 10.98
CA MET A 257 11.96 -2.55 9.72
C MET A 257 12.58 -3.36 8.63
N ILE A 258 13.68 -4.00 8.96
CA ILE A 258 14.33 -4.88 8.01
C ILE A 258 13.36 -6.00 7.59
N GLN A 259 12.71 -6.61 8.57
CA GLN A 259 11.81 -7.72 8.30
C GLN A 259 10.60 -7.32 7.45
N LYS A 260 10.15 -6.08 7.56
CA LYS A 260 8.95 -5.64 6.87
C LYS A 260 9.18 -5.20 5.44
N THR A 261 10.40 -4.79 5.10
CA THR A 261 10.64 -4.18 3.78
C THR A 261 10.44 -5.10 2.59
N ARG A 262 9.99 -4.52 1.49
CA ARG A 262 9.91 -5.22 0.20
C ARG A 262 11.25 -5.27 -0.50
N LYS A 263 12.17 -4.39 -0.12
CA LYS A 263 13.52 -4.31 -0.73
C LYS A 263 14.46 -5.34 -0.18
N ARG A 264 14.14 -6.62 -0.45
CA ARG A 264 14.92 -7.72 0.05
C ARG A 264 16.36 -7.65 -0.48
N LYS A 265 16.54 -7.05 -1.65
CA LYS A 265 17.87 -7.00 -2.26
C LYS A 265 18.97 -6.37 -1.37
N TYR A 266 18.62 -5.49 -0.45
CA TYR A 266 19.63 -4.82 0.39
C TYR A 266 20.10 -5.71 1.52
N PHE A 267 19.40 -6.83 1.76
CA PHE A 267 19.66 -7.58 2.99
C PHE A 267 19.93 -9.01 2.71
N HIS A 268 20.54 -9.66 3.70
CA HIS A 268 20.73 -11.03 3.65
C HIS A 268 20.66 -11.49 5.08
N HIS A 269 19.78 -12.44 5.34
CA HIS A 269 19.50 -12.90 6.69
C HIS A 269 19.30 -11.78 7.65
N ASP A 270 18.49 -10.82 7.21
CA ASP A 270 18.07 -9.68 8.01
C ASP A 270 19.18 -8.76 8.59
N ARG A 271 20.28 -8.70 7.85
CA ARG A 271 21.31 -7.71 8.12
C ARG A 271 21.68 -7.15 6.77
N LEU A 272 22.20 -5.93 6.79
CA LEU A 272 22.50 -5.22 5.55
C LEU A 272 23.57 -6.02 4.79
N ASP A 273 23.38 -6.19 3.49
CA ASP A 273 24.30 -6.99 2.68
C ASP A 273 25.43 -6.14 2.11
N TRP A 274 26.40 -5.90 2.99
CA TRP A 274 27.38 -4.84 2.82
C TRP A 274 28.71 -5.32 3.29
N ASP A 275 29.66 -5.41 2.38
CA ASP A 275 30.99 -5.87 2.75
C ASP A 275 31.83 -4.70 3.29
N GLU A 276 32.02 -4.62 4.61
CA GLU A 276 32.82 -3.54 5.22
C GLU A 276 34.29 -3.47 4.77
N HIS A 277 34.81 -4.58 4.22
CA HIS A 277 36.21 -4.63 3.75
C HIS A 277 36.35 -4.50 2.24
N SER A 278 35.26 -4.29 1.53
CA SER A 278 35.35 -3.91 0.13
C SER A 278 35.84 -2.47 0.04
N SER A 279 36.17 -2.06 -1.16
CA SER A 279 36.60 -0.71 -1.41
C SER A 279 35.56 0.31 -0.87
N ALA A 280 34.34 0.25 -1.39
CA ALA A 280 33.28 1.10 -0.91
C ALA A 280 33.11 0.99 0.61
N GLY A 281 33.26 -0.19 1.15
CA GLY A 281 33.11 -0.39 2.58
C GLY A 281 34.15 0.29 3.49
N ARG A 282 35.42 0.23 3.08
CA ARG A 282 36.49 0.93 3.81
C ARG A 282 36.27 2.46 3.71
N TYR A 283 35.76 2.92 2.60
CA TYR A 283 35.51 4.32 2.49
C TYR A 283 34.43 4.76 3.45
N VAL A 284 33.33 4.00 3.51
CA VAL A 284 32.30 4.33 4.43
C VAL A 284 32.85 4.34 5.88
N SER A 285 33.66 3.36 6.27
CA SER A 285 34.18 3.35 7.63
C SER A 285 35.01 4.58 7.97
N ARG A 286 35.82 5.04 7.01
CA ARG A 286 36.81 6.10 7.28
C ARG A 286 36.23 7.47 7.16
N ALA A 287 35.25 7.63 6.27
CA ALA A 287 34.62 8.90 6.08
C ALA A 287 33.48 9.16 7.06
N CYS A 288 32.71 8.11 7.44
CA CYS A 288 31.53 8.28 8.30
C CYS A 288 32.00 7.88 9.66
N LYS A 289 31.26 8.31 10.67
CA LYS A 289 31.55 7.89 11.99
C LYS A 289 30.37 8.20 12.85
N PRO A 290 30.38 7.69 14.08
CA PRO A 290 29.24 7.93 14.92
C PRO A 290 28.90 9.41 15.03
N LEU A 291 27.61 9.66 15.02
CA LEU A 291 27.03 10.99 14.94
C LEU A 291 27.70 11.99 15.88
N LYS A 292 27.87 11.62 17.13
CA LYS A 292 28.43 12.56 18.12
C LYS A 292 29.86 12.90 17.87
N GLU A 293 30.58 12.06 17.17
CA GLU A 293 31.99 12.37 16.89
C GLU A 293 32.12 13.51 15.84
N PHE A 294 31.05 13.86 15.17
CA PHE A 294 31.03 15.05 14.30
C PHE A 294 30.99 16.36 15.07
N MET A 295 30.70 16.32 16.36
CA MET A 295 30.60 17.57 17.10
C MET A 295 31.93 18.28 17.10
N LEU A 296 31.88 19.58 16.93
CA LEU A 296 33.10 20.37 16.84
C LEU A 296 33.46 20.99 18.19
N SER A 297 32.60 20.81 19.19
CA SER A 297 32.79 21.36 20.53
C SER A 297 31.97 20.50 21.47
N GLN A 298 32.45 20.39 22.69
CA GLN A 298 31.71 19.74 23.76
C GLN A 298 30.84 20.71 24.56
N ASP A 299 30.84 21.96 24.21
CA ASP A 299 30.00 22.97 24.86
C ASP A 299 28.53 22.51 24.86
N VAL A 300 27.82 22.83 25.94
CA VAL A 300 26.46 22.31 26.10
C VAL A 300 25.50 22.69 24.96
N GLU A 301 25.64 23.85 24.36
CA GLU A 301 24.77 24.20 23.27
C GLU A 301 24.94 23.29 22.04
N HIS A 302 26.14 22.83 21.83
CA HIS A 302 26.43 21.83 20.77
C HIS A 302 25.81 20.50 21.15
N GLU A 303 25.94 20.08 22.43
CA GLU A 303 25.28 18.91 22.88
C GLU A 303 23.76 18.95 22.67
N ARG A 304 23.17 20.08 22.96
CA ARG A 304 21.72 20.23 22.80
C ARG A 304 21.32 20.08 21.38
N LEU A 305 22.03 20.73 20.48
CA LEU A 305 21.71 20.57 19.04
C LEU A 305 21.84 19.09 18.62
N PHE A 306 22.90 18.42 19.03
CA PHE A 306 23.10 17.02 18.65
C PHE A 306 22.09 16.06 19.24
N ASP A 307 21.57 16.37 20.43
CA ASP A 307 20.49 15.59 21.01
C ASP A 307 19.25 15.72 20.13
N LEU A 308 18.96 16.92 19.70
CA LEU A 308 17.82 17.14 18.81
C LEU A 308 17.98 16.42 17.46
N ILE A 309 19.17 16.57 16.85
CA ILE A 309 19.46 15.88 15.60
C ILE A 309 19.35 14.38 15.76
N GLN A 310 19.90 13.84 16.84
CA GLN A 310 19.79 12.39 17.10
C GLN A 310 18.35 11.95 17.17
N LYS A 311 17.48 12.73 17.79
CA LYS A 311 16.08 12.35 17.92
C LYS A 311 15.35 12.44 16.60
N MET A 312 15.72 13.41 15.77
CA MET A 312 15.18 13.56 14.41
C MET A 312 15.61 12.39 13.49
N LEU A 313 16.78 11.84 13.77
CA LEU A 313 17.34 10.74 13.01
C LEU A 313 17.10 9.39 13.71
N GLU A 314 16.02 9.29 14.47
CA GLU A 314 15.50 8.03 14.96
C GLU A 314 15.02 7.22 13.71
N TYR A 315 15.50 5.99 13.63
CA TYR A 315 15.17 5.18 12.51
C TYR A 315 13.68 4.89 12.41
N ASP A 316 13.04 4.59 13.51
CA ASP A 316 11.66 4.11 13.48
C ASP A 316 10.75 5.32 13.45
N PRO A 317 10.02 5.52 12.36
CA PRO A 317 9.28 6.78 12.28
C PRO A 317 8.21 6.92 13.37
N ALA A 318 7.76 5.81 13.93
CA ALA A 318 6.75 5.86 14.96
C ALA A 318 7.34 6.36 16.26
N LYS A 319 8.64 6.30 16.41
CA LYS A 319 9.31 6.77 17.61
C LYS A 319 10.00 8.10 17.44
N ARG A 320 10.06 8.59 16.20
CA ARG A 320 10.80 9.78 15.91
C ARG A 320 10.14 10.99 16.51
N ILE A 321 10.95 11.92 16.97
CA ILE A 321 10.39 13.16 17.53
C ILE A 321 9.50 13.89 16.51
N THR A 322 8.37 14.44 16.98
CA THR A 322 7.48 15.24 16.17
C THR A 322 7.99 16.66 16.20
N LEU A 323 7.62 17.45 15.20
CA LEU A 323 8.02 18.86 15.19
C LEU A 323 7.40 19.67 16.35
N ARG A 324 6.21 19.27 16.77
CA ARG A 324 5.58 19.86 17.96
C ARG A 324 6.45 19.75 19.22
N GLU A 325 7.01 18.55 19.43
CA GLU A 325 7.91 18.29 20.52
C GLU A 325 9.27 18.99 20.24
N ALA A 326 9.71 19.01 18.98
CA ALA A 326 10.99 19.58 18.65
C ALA A 326 11.03 21.07 18.99
N LEU A 327 9.94 21.76 18.79
CA LEU A 327 9.86 23.18 19.08
C LEU A 327 10.04 23.50 20.60
N LYS A 328 9.83 22.51 21.46
CA LYS A 328 10.04 22.66 22.91
C LYS A 328 11.41 22.18 23.39
N HIS A 329 12.25 21.69 22.50
CA HIS A 329 13.53 21.13 22.88
C HIS A 329 14.44 22.21 23.47
N PRO A 330 15.29 21.85 24.46
CA PRO A 330 16.23 22.81 25.08
C PRO A 330 17.17 23.56 24.20
N PHE A 331 17.48 23.05 23.01
CA PHE A 331 18.30 23.77 22.07
C PHE A 331 17.67 25.13 21.75
N PHE A 332 16.34 25.19 21.80
CA PHE A 332 15.66 26.45 21.51
C PHE A 332 15.44 27.39 22.69
N ASP A 333 15.86 27.01 23.88
CA ASP A 333 15.64 27.85 25.06
C ASP A 333 16.23 29.26 24.91
N LEU A 334 17.39 29.39 24.25
CA LEU A 334 18.00 30.70 24.09
C LEU A 334 17.17 31.66 23.21
N LEU A 335 16.21 31.15 22.43
CA LEU A 335 15.32 32.04 21.68
C LEU A 335 14.14 32.61 22.47
N LYS A 336 13.91 32.10 23.66
CA LYS A 336 12.67 32.34 24.37
C LYS A 336 12.94 33.23 25.54
N LYS A 337 11.96 34.11 25.83
CA LYS A 337 12.08 35.12 26.89
C LYS A 337 12.45 34.50 28.24
N SER B 1 -20.76 -11.01 41.88
CA SER B 1 -20.88 -9.59 42.30
C SER B 1 -19.85 -8.67 41.56
N MET B 2 -20.04 -8.43 40.25
CA MET B 2 -19.11 -7.55 39.52
C MET B 2 -18.90 -6.13 40.11
N HIS B 3 -19.99 -5.57 40.63
CA HIS B 3 -20.00 -4.31 41.37
C HIS B 3 -18.84 -4.24 42.37
N LEU B 4 -18.52 -5.37 42.98
CA LEU B 4 -17.58 -5.39 44.09
C LEU B 4 -16.14 -5.18 43.63
N ILE B 5 -15.89 -5.32 42.33
CA ILE B 5 -14.51 -5.30 41.84
C ILE B 5 -14.29 -4.40 40.61
N CYS B 6 -15.32 -3.65 40.19
CA CYS B 6 -15.19 -2.81 39.00
C CYS B 6 -15.26 -1.32 39.28
N GLN B 7 -14.97 -0.90 40.50
CA GLN B 7 -15.09 0.51 40.93
C GLN B 7 -13.85 1.36 40.63
N SER B 8 -14.04 2.67 40.39
CA SER B 8 -12.93 3.64 40.28
C SER B 8 -11.97 3.46 41.36
N GLY B 9 -10.70 3.34 41.00
CA GLY B 9 -9.64 3.19 42.03
C GLY B 9 -9.29 1.74 42.34
N ASP B 10 -10.16 0.78 42.00
CA ASP B 10 -9.82 -0.63 42.16
C ASP B 10 -8.62 -0.96 41.28
N VAL B 11 -7.79 -1.87 41.74
CA VAL B 11 -6.67 -2.35 40.95
C VAL B 11 -6.88 -3.79 40.54
N LEU B 12 -6.71 -4.04 39.26
CA LEU B 12 -6.84 -5.38 38.67
C LEU B 12 -5.47 -5.99 38.35
N SER B 13 -5.25 -7.23 38.78
CA SER B 13 -4.05 -7.99 38.40
C SER B 13 -2.78 -7.28 38.80
N ALA B 14 -2.84 -6.55 39.90
CA ALA B 14 -1.74 -5.79 40.50
C ALA B 14 -1.06 -4.81 39.52
N ARG B 15 -1.87 -4.20 38.64
CA ARG B 15 -1.34 -3.49 37.52
C ARG B 15 -2.28 -2.38 36.97
N TYR B 16 -3.56 -2.70 36.76
CA TYR B 16 -4.51 -1.80 36.06
C TYR B 16 -5.41 -1.09 37.05
N GLU B 17 -5.24 0.22 37.17
CA GLU B 17 -6.06 1.00 38.10
C GLU B 17 -7.29 1.53 37.38
N ILE B 18 -8.47 1.15 37.86
CA ILE B 18 -9.71 1.55 37.19
C ILE B 18 -9.92 3.07 37.32
N VAL B 19 -10.19 3.71 36.17
CA VAL B 19 -10.51 5.15 36.10
C VAL B 19 -12.05 5.30 36.13
N ASP B 20 -12.73 4.73 35.16
CA ASP B 20 -14.20 4.79 35.11
C ASP B 20 -14.72 3.77 34.16
N THR B 21 -16.04 3.68 34.05
CA THR B 21 -16.70 2.76 33.13
C THR B 21 -16.88 3.38 31.79
N LEU B 22 -16.54 2.66 30.74
CA LEU B 22 -16.77 3.11 29.39
C LEU B 22 -18.13 2.71 28.89
N GLY B 23 -18.57 1.49 29.19
CA GLY B 23 -19.86 1.02 28.75
C GLY B 23 -20.19 -0.32 29.38
N GLU B 24 -21.48 -0.67 29.39
CA GLU B 24 -22.00 -1.90 30.00
C GLU B 24 -22.82 -2.63 28.96
N GLY B 25 -22.84 -3.95 29.07
CA GLY B 25 -23.51 -4.79 28.09
C GLY B 25 -24.10 -5.97 28.85
N ALA B 26 -24.68 -6.91 28.10
CA ALA B 26 -25.19 -8.14 28.70
C ALA B 26 -24.02 -8.92 29.36
N PHE B 27 -22.88 -8.87 28.70
CA PHE B 27 -21.67 -9.62 29.09
C PHE B 27 -20.99 -9.16 30.36
N GLY B 28 -21.26 -7.94 30.82
CA GLY B 28 -20.47 -7.29 31.91
C GLY B 28 -20.22 -5.82 31.58
N LYS B 29 -19.00 -5.34 31.75
CA LYS B 29 -18.70 -3.95 31.46
C LYS B 29 -17.29 -3.75 30.98
N VAL B 30 -17.03 -2.60 30.40
CA VAL B 30 -15.70 -2.26 29.94
C VAL B 30 -15.33 -1.03 30.69
N VAL B 31 -14.15 -1.08 31.33
CA VAL B 31 -13.65 0.03 32.14
C VAL B 31 -12.31 0.57 31.54
N GLU B 32 -12.08 1.87 31.68
CA GLU B 32 -10.82 2.49 31.34
C GLU B 32 -9.92 2.35 32.52
N CYS B 33 -8.69 1.92 32.29
CA CYS B 33 -7.70 1.74 33.34
C CYS B 33 -6.36 2.38 33.00
N ILE B 34 -5.65 2.79 34.06
CA ILE B 34 -4.23 3.17 33.97
C ILE B 34 -3.41 1.89 34.12
N ASP B 35 -2.57 1.60 33.15
CA ASP B 35 -1.65 0.50 33.20
C ASP B 35 -0.35 0.98 33.86
N HIS B 36 -0.24 0.70 35.13
CA HIS B 36 0.95 1.11 35.90
C HIS B 36 2.24 0.38 35.55
N LYS B 37 2.19 -0.73 34.84
CA LYS B 37 3.39 -1.39 34.32
C LYS B 37 3.68 -1.11 32.85
N ALA B 38 2.93 -0.23 32.22
CA ALA B 38 3.29 0.23 30.88
C ALA B 38 3.31 1.77 30.87
N GLY B 39 3.97 2.31 31.89
CA GLY B 39 4.24 3.73 32.01
C GLY B 39 3.02 4.62 32.13
N GLY B 40 1.90 4.08 32.63
CA GLY B 40 0.71 4.90 32.89
C GLY B 40 -0.22 5.02 31.69
N ARG B 41 0.08 4.28 30.62
CA ARG B 41 -0.75 4.24 29.46
C ARG B 41 -2.21 3.82 29.85
N HIS B 42 -3.20 4.48 29.28
CA HIS B 42 -4.57 4.09 29.50
C HIS B 42 -4.95 2.99 28.58
N VAL B 43 -5.73 2.07 29.11
CA VAL B 43 -6.21 0.93 28.35
C VAL B 43 -7.68 0.68 28.68
N ALA B 44 -8.33 -0.20 27.94
CA ALA B 44 -9.69 -0.63 28.22
C ALA B 44 -9.64 -2.09 28.74
N VAL B 45 -10.35 -2.36 29.85
CA VAL B 45 -10.46 -3.74 30.32
C VAL B 45 -11.92 -4.19 30.33
N LYS B 46 -12.21 -5.22 29.56
CA LYS B 46 -13.54 -5.86 29.56
C LYS B 46 -13.63 -6.84 30.69
N ILE B 47 -14.49 -6.54 31.68
CA ILE B 47 -14.72 -7.41 32.80
C ILE B 47 -15.97 -8.22 32.52
N VAL B 48 -15.82 -9.53 32.49
CA VAL B 48 -16.89 -10.41 32.02
C VAL B 48 -17.64 -11.04 33.19
N LYS B 49 -18.96 -11.04 33.10
CA LYS B 49 -19.76 -11.65 34.17
C LYS B 49 -19.32 -13.10 34.45
N ASN B 50 -19.41 -13.47 35.69
CA ASN B 50 -19.08 -14.82 36.09
C ASN B 50 -20.31 -15.69 35.95
N VAL B 51 -20.67 -15.91 34.72
CA VAL B 51 -21.88 -16.59 34.34
C VAL B 51 -21.42 -17.42 33.13
N ASP B 52 -21.76 -18.72 33.11
CA ASP B 52 -21.22 -19.66 32.11
C ASP B 52 -21.28 -19.20 30.65
N ARG B 53 -22.43 -18.72 30.18
CA ARG B 53 -22.51 -18.36 28.81
C ARG B 53 -21.54 -17.22 28.47
N TYR B 54 -21.32 -16.29 29.40
CA TYR B 54 -20.45 -15.14 29.05
C TYR B 54 -18.97 -15.50 29.26
N CYS B 55 -18.68 -16.35 30.23
CA CYS B 55 -17.32 -16.95 30.35
C CYS B 55 -16.90 -17.68 29.08
N GLU B 56 -17.80 -18.50 28.57
CA GLU B 56 -17.58 -19.24 27.32
C GLU B 56 -17.33 -18.30 26.14
N ALA B 57 -18.14 -17.28 25.98
CA ALA B 57 -17.98 -16.34 24.88
C ALA B 57 -16.66 -15.57 25.01
N ALA B 58 -16.30 -15.22 26.25
CA ALA B 58 -15.03 -14.52 26.47
C ALA B 58 -13.82 -15.45 26.09
N ARG B 59 -13.87 -16.71 26.44
CA ARG B 59 -12.81 -17.66 26.06
C ARG B 59 -12.72 -17.76 24.52
N SER B 60 -13.86 -17.81 23.84
CA SER B 60 -13.87 -17.87 22.41
C SER B 60 -13.29 -16.57 21.79
N GLU B 61 -13.69 -15.42 22.34
CA GLU B 61 -13.17 -14.14 21.87
C GLU B 61 -11.65 -14.08 22.02
N ILE B 62 -11.12 -14.54 23.14
CA ILE B 62 -9.69 -14.56 23.35
C ILE B 62 -8.99 -15.41 22.26
N GLN B 63 -9.56 -16.57 21.90
CA GLN B 63 -8.95 -17.38 20.84
C GLN B 63 -8.94 -16.69 19.51
N VAL B 64 -10.09 -16.12 19.13
CA VAL B 64 -10.19 -15.44 17.83
C VAL B 64 -9.22 -14.27 17.77
N LEU B 65 -9.12 -13.51 18.85
CA LEU B 65 -8.20 -12.37 18.87
C LEU B 65 -6.73 -12.72 18.87
N GLU B 66 -6.34 -13.78 19.54
CA GLU B 66 -4.96 -14.21 19.44
C GLU B 66 -4.62 -14.52 17.95
N HIS B 67 -5.56 -15.15 17.25
CA HIS B 67 -5.41 -15.46 15.83
C HIS B 67 -5.31 -14.15 15.02
N LEU B 68 -6.31 -13.29 15.12
CA LEU B 68 -6.37 -12.07 14.30
C LEU B 68 -5.22 -11.14 14.57
N ASN B 69 -4.86 -10.98 15.83
CA ASN B 69 -3.78 -10.06 16.18
C ASN B 69 -2.39 -10.63 15.75
N THR B 70 -2.28 -11.96 15.65
CA THR B 70 -1.12 -12.60 15.01
C THR B 70 -1.07 -12.46 13.47
N THR B 71 -2.20 -12.58 12.82
CA THR B 71 -2.28 -12.48 11.40
C THR B 71 -2.11 -11.01 10.94
N ASP B 72 -2.60 -10.04 11.73
CA ASP B 72 -2.56 -8.61 11.39
C ASP B 72 -1.99 -7.89 12.64
N PRO B 73 -0.68 -8.03 12.89
CA PRO B 73 -0.14 -7.46 14.15
C PRO B 73 -0.23 -5.92 14.22
N ASN B 74 -0.29 -5.26 13.06
CA ASN B 74 -0.41 -3.79 13.02
C ASN B 74 -1.84 -3.26 12.95
N SER B 75 -2.85 -4.12 13.01
CA SER B 75 -4.24 -3.67 12.89
C SER B 75 -4.49 -2.83 11.63
N THR B 76 -3.82 -3.22 10.56
CA THR B 76 -4.13 -2.69 9.25
C THR B 76 -5.59 -2.81 8.92
N PHE B 77 -6.22 -3.92 9.33
CA PHE B 77 -7.64 -4.15 9.03
C PHE B 77 -8.62 -3.79 10.18
N ARG B 78 -8.11 -3.06 11.17
CA ARG B 78 -8.98 -2.33 12.13
C ARG B 78 -9.81 -3.18 13.08
N CYS B 79 -9.36 -4.41 13.32
CA CYS B 79 -9.90 -5.19 14.43
C CYS B 79 -9.23 -4.70 15.70
N VAL B 80 -10.01 -4.65 16.78
CA VAL B 80 -9.43 -4.19 18.04
C VAL B 80 -8.22 -5.07 18.47
N GLN B 81 -7.21 -4.40 19.06
CA GLN B 81 -6.03 -5.06 19.54
CA GLN B 81 -6.03 -5.06 19.54
C GLN B 81 -6.23 -5.52 20.99
N MET B 82 -6.11 -6.81 21.20
CA MET B 82 -6.11 -7.39 22.54
C MET B 82 -4.68 -7.38 23.05
N LEU B 83 -4.48 -6.88 24.24
CA LEU B 83 -3.13 -6.82 24.82
C LEU B 83 -2.81 -7.98 25.76
N GLU B 84 -3.78 -8.43 26.56
CA GLU B 84 -3.61 -9.61 27.43
C GLU B 84 -4.97 -9.94 28.08
N TRP B 85 -5.03 -11.05 28.79
CA TRP B 85 -6.23 -11.41 29.54
C TRP B 85 -5.80 -12.07 30.83
N PHE B 86 -6.67 -12.02 31.84
CA PHE B 86 -6.36 -12.56 33.14
C PHE B 86 -7.67 -12.84 33.85
N GLU B 87 -7.60 -13.44 35.01
CA GLU B 87 -8.78 -13.64 35.85
C GLU B 87 -8.64 -12.86 37.12
N HIS B 88 -9.75 -12.28 37.54
CA HIS B 88 -9.74 -11.46 38.75
C HIS B 88 -10.99 -11.72 39.53
N HIS B 89 -10.83 -12.37 40.65
CA HIS B 89 -11.93 -12.77 41.51
C HIS B 89 -12.98 -13.49 40.69
N GLY B 90 -12.50 -14.43 39.89
CA GLY B 90 -13.37 -15.30 39.16
C GLY B 90 -14.03 -14.68 37.97
N HIS B 91 -13.60 -13.49 37.58
CA HIS B 91 -14.07 -12.88 36.36
C HIS B 91 -12.96 -12.88 35.34
N ILE B 92 -13.28 -13.26 34.14
CA ILE B 92 -12.33 -13.11 33.04
C ILE B 92 -12.25 -11.64 32.63
N CYS B 93 -11.04 -11.11 32.52
CA CYS B 93 -10.84 -9.72 32.11
C CYS B 93 -9.95 -9.71 30.90
N ILE B 94 -10.33 -8.96 29.88
CA ILE B 94 -9.59 -8.88 28.64
C ILE B 94 -9.13 -7.44 28.50
N VAL B 95 -7.83 -7.25 28.32
CA VAL B 95 -7.24 -5.93 28.15
C VAL B 95 -7.13 -5.61 26.69
N PHE B 96 -7.63 -4.44 26.30
CA PHE B 96 -7.54 -3.97 24.94
C PHE B 96 -6.89 -2.56 24.86
N GLU B 97 -6.45 -2.18 23.65
CA GLU B 97 -6.18 -0.76 23.41
C GLU B 97 -7.44 0.05 23.73
N LEU B 98 -7.24 1.28 24.19
CA LEU B 98 -8.33 2.14 24.54
C LEU B 98 -8.92 2.77 23.29
N LEU B 99 -10.25 2.63 23.08
CA LEU B 99 -10.93 3.29 21.96
C LEU B 99 -11.88 4.39 22.50
N GLY B 100 -12.57 5.11 21.61
CA GLY B 100 -13.58 6.09 22.04
C GLY B 100 -14.97 5.46 22.04
N LEU B 101 -15.99 6.33 21.95
CA LEU B 101 -17.43 5.99 21.99
C LEU B 101 -17.76 5.05 20.88
N SER B 102 -18.76 4.19 21.11
CA SER B 102 -19.32 3.41 20.01
C SER B 102 -20.10 4.32 19.08
N THR B 103 -20.29 3.84 17.88
CA THR B 103 -21.09 4.61 16.91
C THR B 103 -22.54 4.72 17.39
N TYR B 104 -23.04 3.69 18.10
CA TYR B 104 -24.36 3.77 18.69
C TYR B 104 -24.42 4.87 19.73
N ASP B 105 -23.42 4.93 20.61
CA ASP B 105 -23.48 5.94 21.64
C ASP B 105 -23.39 7.35 21.11
N PHE B 106 -22.61 7.53 20.06
CA PHE B 106 -22.52 8.83 19.46
C PHE B 106 -23.92 9.25 18.92
N ILE B 107 -24.59 8.36 18.23
CA ILE B 107 -25.96 8.65 17.71
C ILE B 107 -26.96 8.97 18.81
N LYS B 108 -26.91 8.16 19.84
CA LYS B 108 -27.81 8.34 20.95
C LYS B 108 -27.56 9.66 21.64
N GLU B 109 -26.28 9.96 21.88
CA GLU B 109 -25.93 11.20 22.59
C GLU B 109 -26.22 12.43 21.79
N ASN B 110 -26.24 12.29 20.48
CA ASN B 110 -26.54 13.40 19.61
C ASN B 110 -28.05 13.44 19.29
N GLY B 111 -28.87 12.76 20.10
CA GLY B 111 -30.34 12.83 19.94
C GLY B 111 -30.90 12.03 18.74
N PHE B 112 -30.21 10.96 18.36
CA PHE B 112 -30.63 10.05 17.30
C PHE B 112 -30.70 10.75 15.91
N LEU B 113 -29.64 11.48 15.65
CA LEU B 113 -29.44 12.18 14.39
C LEU B 113 -28.42 11.37 13.60
N PRO B 114 -28.55 11.41 12.27
CA PRO B 114 -27.64 10.72 11.42
C PRO B 114 -26.25 11.35 11.34
N PHE B 115 -25.31 10.56 10.88
CA PHE B 115 -23.99 11.05 10.55
C PHE B 115 -24.02 11.77 9.22
N ARG B 116 -23.09 12.67 9.01
CA ARG B 116 -22.89 13.31 7.71
C ARG B 116 -22.40 12.30 6.65
N LEU B 117 -22.82 12.47 5.40
CA LEU B 117 -22.55 11.45 4.38
C LEU B 117 -21.06 11.21 4.17
N ASP B 118 -20.22 12.24 4.24
CA ASP B 118 -18.79 12.01 4.05
C ASP B 118 -18.19 11.15 5.15
N HIS B 119 -18.69 11.31 6.37
CA HIS B 119 -18.29 10.38 7.45
C HIS B 119 -18.79 8.98 7.25
N ILE B 120 -20.03 8.85 6.80
CA ILE B 120 -20.57 7.52 6.54
C ILE B 120 -19.70 6.79 5.51
N ARG B 121 -19.33 7.49 4.45
CA ARG B 121 -18.50 6.88 3.42
C ARG B 121 -17.19 6.31 4.00
N LYS B 122 -16.51 7.12 4.80
CA LYS B 122 -15.26 6.65 5.46
C LYS B 122 -15.48 5.53 6.41
N MET B 123 -16.52 5.66 7.24
CA MET B 123 -16.85 4.58 8.19
C MET B 123 -17.24 3.28 7.46
N ALA B 124 -18.10 3.37 6.45
CA ALA B 124 -18.50 2.21 5.68
C ALA B 124 -17.32 1.52 5.02
N TYR B 125 -16.43 2.30 4.42
CA TYR B 125 -15.26 1.71 3.83
C TYR B 125 -14.44 0.93 4.87
N GLN B 126 -14.22 1.54 6.03
CA GLN B 126 -13.40 0.87 7.08
C GLN B 126 -14.08 -0.35 7.65
N ILE B 127 -15.40 -0.27 7.79
CA ILE B 127 -16.17 -1.47 8.24
C ILE B 127 -16.08 -2.61 7.24
N CYS B 128 -16.25 -2.28 5.94
CA CYS B 128 -16.23 -3.33 4.93
C CYS B 128 -14.83 -3.94 4.85
N LYS B 129 -13.81 -3.10 4.95
CA LYS B 129 -12.45 -3.58 4.84
C LYS B 129 -12.13 -4.53 6.02
N SER B 130 -12.50 -4.08 7.18
CA SER B 130 -12.24 -4.85 8.40
C SER B 130 -12.97 -6.22 8.40
N VAL B 131 -14.25 -6.20 8.08
CA VAL B 131 -15.04 -7.43 8.06
C VAL B 131 -14.62 -8.32 6.87
N ASN B 132 -14.17 -7.69 5.77
CA ASN B 132 -13.68 -8.46 4.66
C ASN B 132 -12.43 -9.27 5.05
N PHE B 133 -11.61 -8.70 5.90
CA PHE B 133 -10.45 -9.35 6.40
C PHE B 133 -10.86 -10.62 7.21
N LEU B 134 -11.85 -10.49 8.06
CA LEU B 134 -12.41 -11.68 8.73
C LEU B 134 -12.87 -12.73 7.72
N HIS B 135 -13.62 -12.27 6.73
CA HIS B 135 -14.11 -13.14 5.66
C HIS B 135 -13.02 -13.76 4.85
N SER B 136 -11.84 -13.12 4.76
CA SER B 136 -10.68 -13.71 4.13
C SER B 136 -9.94 -14.73 4.95
N ASN B 137 -10.24 -14.78 6.23
CA ASN B 137 -9.62 -15.70 7.17
C ASN B 137 -10.62 -16.71 7.75
N LYS B 138 -11.60 -17.08 6.94
CA LYS B 138 -12.54 -18.17 7.28
C LYS B 138 -13.37 -17.88 8.53
N LEU B 139 -13.69 -16.61 8.73
CA LEU B 139 -14.50 -16.17 9.84
C LEU B 139 -15.74 -15.40 9.42
N THR B 140 -16.77 -15.49 10.27
CA THR B 140 -17.97 -14.63 10.22
C THR B 140 -18.16 -14.04 11.61
N HIS B 141 -18.37 -12.73 11.70
CA HIS B 141 -18.46 -12.05 12.99
C HIS B 141 -19.76 -12.43 13.69
N THR B 142 -20.85 -12.31 12.92
CA THR B 142 -22.22 -12.69 13.31
C THR B 142 -22.97 -11.68 14.20
N ASP B 143 -22.29 -10.70 14.77
CA ASP B 143 -22.94 -9.79 15.70
C ASP B 143 -22.54 -8.35 15.45
N LEU B 144 -22.48 -7.99 14.16
CA LEU B 144 -22.20 -6.62 13.81
C LEU B 144 -23.42 -5.74 14.07
N LYS B 145 -23.14 -4.60 14.72
CA LYS B 145 -24.20 -3.63 15.09
C LYS B 145 -23.44 -2.37 15.52
N PRO B 146 -24.15 -1.24 15.57
CA PRO B 146 -23.44 0.00 15.83
C PRO B 146 -22.70 0.05 17.20
N GLU B 147 -23.21 -0.70 18.18
CA GLU B 147 -22.54 -0.84 19.46
C GLU B 147 -21.19 -1.47 19.39
N ASN B 148 -20.97 -2.30 18.38
CA ASN B 148 -19.70 -3.02 18.15
C ASN B 148 -18.76 -2.39 17.13
N ILE B 149 -19.07 -1.17 16.69
CA ILE B 149 -18.21 -0.35 15.90
C ILE B 149 -17.88 0.85 16.74
N LEU B 150 -16.59 1.03 17.05
CA LEU B 150 -16.13 2.08 17.92
C LEU B 150 -15.28 3.06 17.23
N PHE B 151 -15.45 4.34 17.55
CA PHE B 151 -14.52 5.33 17.07
C PHE B 151 -13.19 5.18 17.76
N VAL B 152 -12.10 5.33 16.98
CA VAL B 152 -10.75 5.35 17.54
C VAL B 152 -10.59 6.51 18.53
N GLN B 153 -11.11 7.70 18.17
CA GLN B 153 -11.15 8.87 19.05
C GLN B 153 -12.53 9.52 18.99
N SER B 154 -13.14 9.78 20.13
CA SER B 154 -14.49 10.34 20.10
C SER B 154 -14.54 11.90 20.26
N ASP B 155 -13.39 12.56 20.18
CA ASP B 155 -13.36 14.03 20.24
C ASP B 155 -14.23 14.72 19.14
N TYR B 156 -14.83 15.85 19.52
CA TYR B 156 -15.75 16.56 18.65
C TYR B 156 -15.58 18.04 18.88
N THR B 157 -15.98 18.83 17.90
CA THR B 157 -16.18 20.25 18.06
C THR B 157 -17.69 20.42 18.18
N GLU B 158 -18.09 21.52 18.77
CA GLU B 158 -19.49 21.76 19.07
C GLU B 158 -19.79 23.17 18.63
N ALA B 159 -20.78 23.33 17.78
CA ALA B 159 -21.14 24.65 17.30
C ALA B 159 -22.65 24.76 17.13
N TYR B 160 -23.14 25.99 17.25
CA TYR B 160 -24.50 26.31 16.89
C TYR B 160 -24.68 26.07 15.40
N ASN B 161 -25.70 25.31 15.05
CA ASN B 161 -26.05 25.11 13.67
C ASN B 161 -27.37 25.78 13.38
N PRO B 162 -27.33 26.96 12.69
CA PRO B 162 -28.56 27.69 12.36
C PRO B 162 -29.62 26.84 11.69
N LYS B 163 -29.23 25.98 10.74
CA LYS B 163 -30.17 25.07 10.05
C LYS B 163 -31.17 24.32 10.98
N ILE B 164 -30.68 23.64 12.03
CA ILE B 164 -31.56 22.95 13.01
C ILE B 164 -31.75 23.73 14.33
N LYS B 165 -31.33 25.00 14.35
CA LYS B 165 -31.46 25.91 15.51
C LYS B 165 -31.07 25.30 16.85
N ARG B 166 -30.02 24.49 16.86
CA ARG B 166 -29.53 23.84 18.07
C ARG B 166 -28.03 23.65 17.96
N ASP B 167 -27.36 23.64 19.11
CA ASP B 167 -25.95 23.25 19.15
C ASP B 167 -25.81 21.82 18.67
N GLU B 168 -24.62 21.50 18.18
CA GLU B 168 -24.40 20.23 17.49
C GLU B 168 -22.96 19.80 17.52
N ARG B 169 -22.76 18.52 17.82
CA ARG B 169 -21.43 17.96 17.93
C ARG B 169 -21.02 17.36 16.61
N THR B 170 -19.83 17.75 16.17
CA THR B 170 -19.28 17.28 14.93
C THR B 170 -18.03 16.51 15.23
N LEU B 171 -18.04 15.27 14.78
CA LEU B 171 -16.95 14.39 15.00
C LEU B 171 -15.74 14.94 14.28
N ILE B 172 -14.59 14.91 14.94
CA ILE B 172 -13.34 15.33 14.36
C ILE B 172 -12.73 14.24 13.49
N ASN B 173 -12.53 13.04 14.05
CA ASN B 173 -11.98 11.91 13.27
C ASN B 173 -12.99 10.74 13.26
N PRO B 174 -13.51 10.35 12.06
CA PRO B 174 -14.47 9.28 11.99
C PRO B 174 -13.85 7.87 11.93
N ASP B 175 -12.53 7.72 12.06
CA ASP B 175 -11.90 6.36 11.99
C ASP B 175 -12.58 5.43 13.05
N ILE B 176 -12.75 4.17 12.70
CA ILE B 176 -13.36 3.18 13.59
C ILE B 176 -12.51 1.90 13.67
N LYS B 177 -12.88 1.09 14.65
CA LYS B 177 -12.44 -0.30 14.75
C LYS B 177 -13.65 -1.16 15.09
N VAL B 178 -13.54 -2.44 14.77
CA VAL B 178 -14.58 -3.38 15.02
C VAL B 178 -14.23 -4.14 16.32
N VAL B 179 -15.20 -4.31 17.23
CA VAL B 179 -14.96 -5.05 18.52
C VAL B 179 -15.94 -6.22 18.65
N ASP B 180 -15.78 -6.96 19.75
CA ASP B 180 -16.62 -8.08 20.14
C ASP B 180 -16.61 -9.28 19.24
N PHE B 181 -15.62 -10.15 19.49
CA PHE B 181 -15.41 -11.35 18.70
C PHE B 181 -15.83 -12.62 19.44
N GLY B 182 -16.68 -12.47 20.43
CA GLY B 182 -17.21 -13.58 21.21
C GLY B 182 -18.27 -14.45 20.53
N SER B 183 -18.78 -14.04 19.37
CA SER B 183 -19.69 -14.87 18.60
C SER B 183 -19.08 -15.32 17.26
N ALA B 184 -17.89 -14.83 16.96
CA ALA B 184 -17.30 -15.03 15.65
C ALA B 184 -17.08 -16.51 15.44
N THR B 185 -17.41 -16.99 14.27
CA THR B 185 -17.46 -18.42 13.99
C THR B 185 -16.63 -18.77 12.78
N TYR B 186 -15.82 -19.81 12.90
CA TYR B 186 -15.00 -20.28 11.79
C TYR B 186 -15.84 -21.10 10.83
N ASP B 187 -15.43 -21.08 9.56
CA ASP B 187 -16.08 -21.88 8.55
C ASP B 187 -16.27 -23.35 8.97
N ASP B 188 -15.30 -23.93 9.62
CA ASP B 188 -15.35 -25.37 9.86
C ASP B 188 -16.00 -25.76 11.22
N GLU B 189 -16.53 -24.82 11.93
CA GLU B 189 -17.07 -25.03 13.26
C GLU B 189 -18.57 -25.30 13.10
N HIS B 190 -19.17 -26.07 14.01
CA HIS B 190 -20.65 -26.27 13.97
C HIS B 190 -21.31 -24.89 14.29
N HIS B 191 -22.19 -24.43 13.39
CA HIS B 191 -22.89 -23.10 13.41
C HIS B 191 -24.15 -23.12 14.31
N SER B 192 -24.29 -22.22 15.28
CA SER B 192 -25.62 -22.07 15.95
C SER B 192 -26.73 -21.84 14.90
N THR B 193 -27.95 -22.29 15.18
CA THR B 193 -29.11 -21.85 14.39
C THR B 193 -29.39 -20.33 14.56
N LEU B 194 -29.32 -19.82 15.79
CA LEU B 194 -29.59 -18.40 16.08
C LEU B 194 -28.31 -17.60 16.23
N VAL B 195 -28.14 -16.57 15.38
CA VAL B 195 -27.07 -15.57 15.58
C VAL B 195 -27.58 -14.13 15.34
N SER B 196 -26.74 -13.17 15.75
CA SER B 196 -26.93 -11.74 15.51
C SER B 196 -27.99 -11.21 16.44
N THR B 197 -27.86 -9.95 16.82
CA THR B 197 -28.89 -9.21 17.58
C THR B 197 -30.08 -9.04 16.63
N ARG B 198 -31.31 -9.24 17.12
CA ARG B 198 -32.48 -9.35 16.22
C ARG B 198 -32.50 -8.32 15.11
N HIS B 199 -32.25 -7.07 15.45
CA HIS B 199 -32.46 -5.97 14.52
C HIS B 199 -31.52 -6.09 13.33
N TYR B 200 -30.39 -6.79 13.48
CA TYR B 200 -29.32 -6.85 12.46
C TYR B 200 -29.20 -8.27 11.86
N ARG B 201 -30.15 -9.13 12.20
CA ARG B 201 -30.15 -10.51 11.77
C ARG B 201 -30.63 -10.70 10.31
N ALA B 202 -29.90 -11.47 9.54
CA ALA B 202 -30.24 -11.72 8.13
C ALA B 202 -31.45 -12.66 7.97
N PRO B 203 -32.16 -12.56 6.82
CA PRO B 203 -33.33 -13.43 6.61
C PRO B 203 -33.02 -14.92 6.59
N GLU B 204 -31.85 -15.32 6.10
CA GLU B 204 -31.53 -16.74 6.12
C GLU B 204 -31.34 -17.27 7.58
N VAL B 205 -30.96 -16.37 8.51
CA VAL B 205 -30.82 -16.75 9.93
C VAL B 205 -32.21 -16.90 10.54
N ILE B 206 -33.08 -15.90 10.29
CA ILE B 206 -34.49 -15.97 10.75
C ILE B 206 -35.21 -17.20 10.26
N LEU B 207 -34.98 -17.56 8.99
CA LEU B 207 -35.68 -18.70 8.37
C LEU B 207 -34.94 -20.05 8.56
N ALA B 208 -33.82 -19.99 9.30
CA ALA B 208 -33.06 -21.19 9.67
C ALA B 208 -32.67 -21.97 8.43
N LEU B 209 -32.13 -21.25 7.45
CA LEU B 209 -31.76 -21.83 6.17
C LEU B 209 -30.22 -22.07 6.10
N GLY B 210 -29.50 -21.71 7.17
CA GLY B 210 -28.04 -21.85 7.24
C GLY B 210 -27.46 -20.53 6.89
N TRP B 211 -26.26 -20.28 7.40
CA TRP B 211 -25.67 -18.97 7.27
C TRP B 211 -24.16 -19.06 7.20
N SER B 212 -23.53 -18.03 6.63
CA SER B 212 -22.07 -17.91 6.65
C SER B 212 -21.77 -16.40 6.43
N GLN B 213 -20.66 -16.08 5.78
CA GLN B 213 -20.22 -14.70 5.67
C GLN B 213 -21.27 -13.73 5.18
N PRO B 214 -22.15 -14.16 4.25
CA PRO B 214 -23.12 -13.16 3.79
C PRO B 214 -24.03 -12.57 4.90
N CYS B 215 -24.27 -13.31 5.98
CA CYS B 215 -25.09 -12.72 7.07
C CYS B 215 -24.46 -11.45 7.67
N ASP B 216 -23.11 -11.33 7.65
CA ASP B 216 -22.43 -10.14 8.07
C ASP B 216 -22.76 -8.97 7.12
N VAL B 217 -22.80 -9.26 5.85
CA VAL B 217 -23.10 -8.24 4.87
C VAL B 217 -24.46 -7.63 5.07
N TRP B 218 -25.47 -8.48 5.33
CA TRP B 218 -26.76 -8.02 5.69
C TRP B 218 -26.71 -7.09 6.90
N SER B 219 -26.02 -7.50 7.94
CA SER B 219 -25.88 -6.65 9.15
C SER B 219 -25.29 -5.27 8.82
N ILE B 220 -24.23 -5.28 8.02
CA ILE B 220 -23.62 -4.02 7.57
C ILE B 220 -24.64 -3.12 6.82
N GLY B 221 -25.44 -3.69 5.94
CA GLY B 221 -26.47 -2.89 5.26
C GLY B 221 -27.36 -2.22 6.26
N CYS B 222 -27.78 -2.96 7.28
CA CYS B 222 -28.62 -2.42 8.35
C CYS B 222 -27.93 -1.28 9.07
N ILE B 223 -26.67 -1.46 9.36
CA ILE B 223 -25.88 -0.43 10.06
C ILE B 223 -25.75 0.85 9.22
N LEU B 224 -25.49 0.69 7.93
CA LEU B 224 -25.33 1.90 7.08
C LEU B 224 -26.59 2.68 6.95
N ILE B 225 -27.73 2.00 6.85
CA ILE B 225 -29.00 2.73 6.77
C ILE B 225 -29.30 3.44 8.11
N GLU B 226 -28.91 2.84 9.24
CA GLU B 226 -29.07 3.47 10.54
CA GLU B 226 -29.06 3.47 10.54
C GLU B 226 -28.13 4.71 10.66
N TYR B 227 -26.92 4.62 10.14
CA TYR B 227 -26.02 5.76 10.15
C TYR B 227 -26.60 6.92 9.34
N TYR B 228 -27.28 6.56 8.25
CA TYR B 228 -27.89 7.57 7.33
C TYR B 228 -29.11 8.22 7.93
N LEU B 229 -29.93 7.45 8.67
CA LEU B 229 -31.20 7.93 9.16
C LEU B 229 -31.18 8.38 10.61
N GLY B 230 -30.30 7.78 11.37
CA GLY B 230 -30.16 8.02 12.81
C GLY B 230 -31.03 7.10 13.65
N PHE B 231 -31.76 6.22 13.02
CA PHE B 231 -32.59 5.33 13.75
C PHE B 231 -32.49 3.92 13.19
N THR B 232 -32.91 2.98 14.03
CA THR B 232 -32.86 1.57 13.71
C THR B 232 -33.92 1.26 12.71
N VAL B 233 -33.60 0.55 11.69
CA VAL B 233 -34.58 0.38 10.59
C VAL B 233 -35.64 -0.75 10.87
N PHE B 234 -35.24 -1.69 11.72
CA PHE B 234 -36.10 -2.82 12.06
C PHE B 234 -36.30 -2.82 13.59
N PRO B 235 -37.15 -1.91 14.13
CA PRO B 235 -37.39 -1.78 15.57
C PRO B 235 -38.55 -2.74 15.99
N THR B 236 -38.20 -4.01 16.10
CA THR B 236 -39.13 -5.02 16.57
C THR B 236 -38.36 -6.04 17.38
N HIS B 237 -39.09 -6.78 18.20
CA HIS B 237 -38.57 -7.96 18.88
C HIS B 237 -39.43 -9.20 18.57
N ASP B 238 -40.10 -9.19 17.44
CA ASP B 238 -40.81 -10.35 16.99
C ASP B 238 -40.35 -10.73 15.56
N SER B 239 -40.08 -12.03 15.31
CA SER B 239 -39.51 -12.48 14.01
C SER B 239 -40.47 -12.32 12.88
N LYS B 240 -41.74 -12.58 13.11
CA LYS B 240 -42.74 -12.46 12.04
C LYS B 240 -42.88 -11.01 11.62
N GLU B 241 -42.98 -10.14 12.61
CA GLU B 241 -43.02 -8.69 12.36
C GLU B 241 -41.77 -8.19 11.67
N HIS B 242 -40.64 -8.77 12.03
CA HIS B 242 -39.38 -8.41 11.39
C HIS B 242 -39.46 -8.72 9.89
N LEU B 243 -40.03 -9.89 9.57
CA LEU B 243 -40.18 -10.27 8.17
C LEU B 243 -41.20 -9.36 7.46
N ALA B 244 -42.28 -8.99 8.16
CA ALA B 244 -43.25 -8.04 7.58
C ALA B 244 -42.59 -6.70 7.24
N MET B 245 -41.67 -6.27 8.11
CA MET B 245 -40.90 -5.01 7.92
C MET B 245 -39.96 -5.11 6.75
N MET B 246 -39.27 -6.24 6.65
CA MET B 246 -38.48 -6.54 5.47
C MET B 246 -39.29 -6.47 4.18
N GLU B 247 -40.47 -7.05 4.15
CA GLU B 247 -41.30 -7.00 2.94
C GLU B 247 -41.72 -5.62 2.59
N ARG B 248 -42.04 -4.81 3.59
CA ARG B 248 -42.45 -3.41 3.35
C ARG B 248 -41.32 -2.58 2.76
N ILE B 249 -40.10 -2.84 3.19
CA ILE B 249 -38.97 -2.10 2.72
C ILE B 249 -38.37 -2.64 1.44
N LEU B 250 -38.34 -3.96 1.32
CA LEU B 250 -37.64 -4.61 0.26
C LEU B 250 -38.51 -5.37 -0.72
N GLY B 251 -39.79 -5.47 -0.48
CA GLY B 251 -40.62 -6.36 -1.30
C GLY B 251 -40.66 -7.80 -0.78
N PRO B 252 -41.43 -8.63 -1.46
CA PRO B 252 -41.67 -9.98 -0.98
C PRO B 252 -40.43 -10.86 -0.99
N LEU B 253 -40.35 -11.75 -0.01
CA LEU B 253 -39.25 -12.71 0.07
C LEU B 253 -39.20 -13.62 -1.16
N PRO B 254 -38.01 -14.02 -1.58
CA PRO B 254 -38.00 -15.01 -2.68
C PRO B 254 -38.79 -16.28 -2.35
N LYS B 255 -39.56 -16.74 -3.33
CA LYS B 255 -40.36 -17.94 -3.17
C LYS B 255 -39.55 -19.17 -2.82
N HIS B 256 -38.33 -19.30 -3.37
CA HIS B 256 -37.53 -20.48 -3.05
C HIS B 256 -37.14 -20.55 -1.60
N MET B 257 -36.93 -19.39 -0.98
CA MET B 257 -36.55 -19.34 0.45
C MET B 257 -37.76 -19.66 1.30
N ILE B 258 -38.90 -19.16 0.89
CA ILE B 258 -40.17 -19.48 1.59
C ILE B 258 -40.45 -20.98 1.52
N GLN B 259 -40.28 -21.56 0.34
CA GLN B 259 -40.47 -22.99 0.18
C GLN B 259 -39.47 -23.88 0.96
N LYS B 260 -38.23 -23.43 1.15
CA LYS B 260 -37.20 -24.23 1.86
C LYS B 260 -37.26 -24.16 3.37
N THR B 261 -37.75 -23.07 3.92
CA THR B 261 -37.70 -22.91 5.36
C THR B 261 -38.53 -23.98 6.06
N ARG B 262 -38.08 -24.40 7.20
CA ARG B 262 -38.88 -25.25 8.07
C ARG B 262 -39.80 -24.45 8.98
N LYS B 263 -39.61 -23.13 9.04
CA LYS B 263 -40.43 -22.24 9.87
C LYS B 263 -41.76 -21.97 9.21
N ARG B 264 -42.57 -23.02 9.08
CA ARG B 264 -43.84 -22.95 8.39
C ARG B 264 -44.79 -21.98 9.12
N LYS B 265 -44.57 -21.78 10.42
CA LYS B 265 -45.40 -20.89 11.22
C LYS B 265 -45.53 -19.45 10.68
N TYR B 266 -44.55 -18.96 9.95
CA TYR B 266 -44.58 -17.62 9.45
C TYR B 266 -45.45 -17.48 8.18
N PHE B 267 -45.84 -18.58 7.56
CA PHE B 267 -46.43 -18.50 6.20
C PHE B 267 -47.76 -19.18 6.04
N HIS B 268 -48.49 -18.75 5.00
CA HIS B 268 -49.74 -19.33 4.60
C HIS B 268 -49.84 -19.15 3.10
N HIS B 269 -50.08 -20.24 2.37
CA HIS B 269 -49.99 -20.26 0.93
C HIS B 269 -48.71 -19.61 0.38
N ASP B 270 -47.58 -19.95 0.98
CA ASP B 270 -46.25 -19.45 0.56
C ASP B 270 -46.21 -17.94 0.40
N ARG B 271 -46.95 -17.28 1.26
CA ARG B 271 -46.80 -15.85 1.49
C ARG B 271 -46.83 -15.62 2.99
N LEU B 272 -46.26 -14.51 3.41
CA LEU B 272 -46.12 -14.21 4.84
C LEU B 272 -47.49 -14.12 5.47
N ASP B 273 -47.66 -14.74 6.63
CA ASP B 273 -48.94 -14.75 7.30
C ASP B 273 -49.10 -13.56 8.23
N TRP B 274 -49.47 -12.43 7.62
CA TRP B 274 -49.39 -11.12 8.24
C TRP B 274 -50.62 -10.27 7.88
N ASP B 275 -51.37 -9.86 8.89
CA ASP B 275 -52.54 -8.97 8.69
C ASP B 275 -52.11 -7.49 8.72
N GLU B 276 -52.03 -6.86 7.55
CA GLU B 276 -51.63 -5.45 7.42
C GLU B 276 -52.55 -4.44 8.16
N HIS B 277 -53.78 -4.84 8.46
CA HIS B 277 -54.74 -3.94 9.11
C HIS B 277 -54.91 -4.23 10.59
N SER B 278 -54.15 -5.19 11.12
CA SER B 278 -54.07 -5.37 12.57
C SER B 278 -53.28 -4.20 13.17
N SER B 279 -53.27 -4.15 14.48
CA SER B 279 -52.50 -3.17 15.21
C SER B 279 -51.01 -3.20 14.82
N ALA B 280 -50.39 -4.36 15.00
CA ALA B 280 -49.03 -4.56 14.60
C ALA B 280 -48.81 -4.23 13.13
N GLY B 281 -49.79 -4.54 12.29
CA GLY B 281 -49.70 -4.28 10.86
C GLY B 281 -49.66 -2.81 10.47
N ARG B 282 -50.49 -2.00 11.12
CA ARG B 282 -50.48 -0.55 10.88
C ARG B 282 -49.16 0.11 11.40
N TYR B 283 -48.62 -0.38 12.52
CA TYR B 283 -47.32 0.06 13.01
C TYR B 283 -46.22 -0.24 12.00
N VAL B 284 -46.24 -1.41 11.38
CA VAL B 284 -45.25 -1.72 10.33
C VAL B 284 -45.36 -0.78 9.15
N SER B 285 -46.57 -0.52 8.71
CA SER B 285 -46.79 0.37 7.56
C SER B 285 -46.31 1.78 7.81
N ARG B 286 -46.44 2.26 9.05
CA ARG B 286 -46.04 3.60 9.39
C ARG B 286 -44.56 3.68 9.65
N ALA B 287 -43.96 2.62 10.19
CA ALA B 287 -42.55 2.64 10.48
C ALA B 287 -41.71 2.36 9.23
N CYS B 288 -42.26 1.62 8.30
CA CYS B 288 -41.45 1.13 7.18
C CYS B 288 -42.07 1.50 5.85
N LYS B 289 -41.24 1.57 4.82
CA LYS B 289 -41.69 1.93 3.49
C LYS B 289 -40.60 1.51 2.55
N PRO B 290 -40.89 1.53 1.23
CA PRO B 290 -39.84 1.06 0.33
C PRO B 290 -38.50 1.79 0.49
N LEU B 291 -37.43 1.01 0.40
CA LEU B 291 -36.05 1.44 0.76
C LEU B 291 -35.67 2.82 0.20
N LYS B 292 -35.92 3.03 -1.07
CA LYS B 292 -35.50 4.31 -1.69
C LYS B 292 -36.27 5.51 -1.22
N GLU B 293 -37.48 5.32 -0.67
CA GLU B 293 -38.22 6.40 -0.12
C GLU B 293 -37.60 6.99 1.15
N PHE B 294 -36.69 6.29 1.80
CA PHE B 294 -35.94 6.82 2.92
C PHE B 294 -34.83 7.81 2.52
N MET B 295 -34.51 7.91 1.23
CA MET B 295 -33.46 8.84 0.82
C MET B 295 -33.84 10.23 1.15
N LEU B 296 -32.86 10.98 1.63
CA LEU B 296 -33.13 12.32 2.06
C LEU B 296 -32.72 13.36 1.01
N SER B 297 -32.15 12.89 -0.09
CA SER B 297 -31.71 13.73 -1.21
C SER B 297 -31.65 12.85 -2.45
N GLN B 298 -31.85 13.46 -3.60
CA GLN B 298 -31.65 12.79 -4.89
C GLN B 298 -30.24 12.98 -5.47
N ASP B 299 -29.37 13.67 -4.75
CA ASP B 299 -27.99 13.85 -5.15
C ASP B 299 -27.35 12.47 -5.42
N VAL B 300 -26.48 12.44 -6.40
CA VAL B 300 -25.90 11.19 -6.84
C VAL B 300 -25.14 10.46 -5.74
N GLU B 301 -24.49 11.16 -4.83
CA GLU B 301 -23.81 10.43 -3.76
C GLU B 301 -24.80 9.64 -2.85
N HIS B 302 -25.98 10.20 -2.64
CA HIS B 302 -27.02 9.51 -1.90
C HIS B 302 -27.54 8.31 -2.69
N GLU B 303 -27.68 8.48 -3.99
CA GLU B 303 -28.04 7.34 -4.85
C GLU B 303 -27.01 6.24 -4.82
N ARG B 304 -25.74 6.60 -4.78
CA ARG B 304 -24.68 5.62 -4.75
C ARG B 304 -24.71 4.83 -3.43
N LEU B 305 -24.93 5.53 -2.32
CA LEU B 305 -25.03 4.83 -1.01
C LEU B 305 -26.21 3.85 -1.04
N PHE B 306 -27.37 4.32 -1.49
CA PHE B 306 -28.56 3.47 -1.47
C PHE B 306 -28.50 2.28 -2.41
N ASP B 307 -27.76 2.40 -3.51
CA ASP B 307 -27.51 1.25 -4.40
C ASP B 307 -26.69 0.19 -3.65
N LEU B 308 -25.66 0.63 -2.95
CA LEU B 308 -24.85 -0.28 -2.14
C LEU B 308 -25.69 -0.95 -1.07
N ILE B 309 -26.47 -0.14 -0.35
CA ILE B 309 -27.29 -0.69 0.74
C ILE B 309 -28.30 -1.71 0.17
N GLN B 310 -28.90 -1.38 -0.97
CA GLN B 310 -29.84 -2.30 -1.60
C GLN B 310 -29.18 -3.63 -1.92
N LYS B 311 -27.94 -3.60 -2.40
CA LYS B 311 -27.25 -4.83 -2.72
C LYS B 311 -26.86 -5.64 -1.48
N MET B 312 -26.54 -4.94 -0.41
CA MET B 312 -26.25 -5.60 0.90
C MET B 312 -27.53 -6.23 1.54
N LEU B 313 -28.65 -5.66 1.20
CA LEU B 313 -29.96 -6.15 1.68
C LEU B 313 -30.70 -7.05 0.68
N GLU B 314 -29.94 -7.72 -0.15
CA GLU B 314 -30.42 -8.78 -1.05
C GLU B 314 -30.84 -9.95 -0.16
N TYR B 315 -32.09 -10.39 -0.34
CA TYR B 315 -32.63 -11.42 0.47
C TYR B 315 -31.84 -12.72 0.33
N ASP B 316 -31.48 -13.08 -0.90
CA ASP B 316 -30.88 -14.39 -1.10
C ASP B 316 -29.36 -14.29 -0.81
N PRO B 317 -28.88 -14.95 0.24
CA PRO B 317 -27.45 -14.76 0.57
C PRO B 317 -26.48 -15.21 -0.53
N ALA B 318 -26.91 -16.07 -1.44
CA ALA B 318 -26.03 -16.47 -2.56
C ALA B 318 -25.90 -15.37 -3.59
N LYS B 319 -26.82 -14.41 -3.60
CA LYS B 319 -26.79 -13.33 -4.54
C LYS B 319 -26.33 -12.05 -3.95
N ARG B 320 -26.23 -12.00 -2.64
CA ARG B 320 -25.88 -10.81 -1.95
C ARG B 320 -24.46 -10.40 -2.32
N ILE B 321 -24.26 -9.09 -2.40
CA ILE B 321 -22.92 -8.57 -2.68
C ILE B 321 -21.93 -9.05 -1.58
N THR B 322 -20.73 -9.40 -2.01
CA THR B 322 -19.62 -9.71 -1.08
C THR B 322 -18.95 -8.38 -0.66
N LEU B 323 -18.25 -8.40 0.48
CA LEU B 323 -17.50 -7.23 0.91
C LEU B 323 -16.34 -6.90 -0.04
N ARG B 324 -15.74 -7.91 -0.63
CA ARG B 324 -14.77 -7.70 -1.72
C ARG B 324 -15.30 -6.80 -2.84
N GLU B 325 -16.50 -7.11 -3.32
CA GLU B 325 -17.13 -6.34 -4.39
C GLU B 325 -17.59 -4.98 -3.81
N ALA B 326 -18.04 -4.94 -2.56
CA ALA B 326 -18.59 -3.73 -1.98
C ALA B 326 -17.51 -2.67 -1.92
N LEU B 327 -16.29 -3.10 -1.66
CA LEU B 327 -15.18 -2.15 -1.57
C LEU B 327 -14.89 -1.41 -2.87
N LYS B 328 -15.33 -1.98 -3.99
CA LYS B 328 -15.16 -1.36 -5.30
C LYS B 328 -16.34 -0.51 -5.77
N HIS B 329 -17.36 -0.43 -4.96
CA HIS B 329 -18.61 0.19 -5.36
C HIS B 329 -18.38 1.68 -5.60
N PRO B 330 -19.12 2.30 -6.55
CA PRO B 330 -18.90 3.75 -6.83
C PRO B 330 -19.08 4.73 -5.65
N PHE B 331 -19.85 4.32 -4.62
CA PHE B 331 -20.02 5.12 -3.40
C PHE B 331 -18.63 5.46 -2.82
N PHE B 332 -17.66 4.53 -3.01
CA PHE B 332 -16.34 4.74 -2.45
C PHE B 332 -15.34 5.47 -3.35
N ASP B 333 -15.74 5.82 -4.59
CA ASP B 333 -14.80 6.46 -5.51
C ASP B 333 -14.19 7.76 -4.95
N LEU B 334 -14.97 8.54 -4.20
CA LEU B 334 -14.44 9.77 -3.59
C LEU B 334 -13.26 9.54 -2.62
N LEU B 335 -13.10 8.33 -2.09
CA LEU B 335 -11.98 8.04 -1.20
C LEU B 335 -10.68 7.69 -1.94
N LYS B 336 -10.74 7.50 -3.25
CA LYS B 336 -9.59 6.95 -4.03
C LYS B 336 -8.97 7.95 -4.98
N LYS B 337 -7.65 7.88 -5.18
CA LYS B 337 -6.93 8.77 -6.15
C LYS B 337 -7.54 8.84 -7.57
N SER C 1 13.02 -20.84 9.59
CA SER C 1 12.54 -21.96 10.43
C SER C 1 11.61 -22.81 9.59
N MET C 2 11.40 -22.46 8.33
CA MET C 2 10.67 -23.32 7.45
C MET C 2 11.21 -24.80 7.41
N HIS C 3 12.52 -24.91 7.42
CA HIS C 3 13.25 -26.13 7.43
C HIS C 3 12.72 -27.08 8.52
N LEU C 4 12.22 -26.51 9.60
CA LEU C 4 11.70 -27.31 10.68
C LEU C 4 10.34 -27.96 10.40
N ILE C 5 9.64 -27.52 9.36
CA ILE C 5 8.29 -28.03 9.10
C ILE C 5 8.04 -28.52 7.66
N CYS C 6 9.08 -28.54 6.81
CA CYS C 6 8.87 -28.87 5.36
C CYS C 6 9.60 -30.14 4.95
N GLN C 7 9.94 -31.01 5.91
CA GLN C 7 10.72 -32.25 5.63
C GLN C 7 9.83 -33.44 5.16
N SER C 8 10.39 -34.35 4.35
CA SER C 8 9.72 -35.59 3.95
C SER C 8 9.18 -36.26 5.16
N GLY C 9 7.90 -36.62 5.12
CA GLY C 9 7.30 -37.35 6.23
C GLY C 9 6.58 -36.47 7.19
N ASP C 10 6.88 -35.16 7.19
CA ASP C 10 6.11 -34.24 8.04
C ASP C 10 4.65 -34.25 7.61
N VAL C 11 3.77 -34.08 8.58
CA VAL C 11 2.34 -33.93 8.26
C VAL C 11 1.85 -32.51 8.52
N LEU C 12 1.18 -31.93 7.52
CA LEU C 12 0.61 -30.58 7.56
C LEU C 12 -0.91 -30.61 7.79
N SER C 13 -1.37 -29.85 8.77
CA SER C 13 -2.82 -29.68 9.01
C SER C 13 -3.52 -30.99 9.27
N ALA C 14 -2.83 -31.93 9.91
CA ALA C 14 -3.30 -33.28 10.22
C ALA C 14 -3.87 -34.03 8.99
N ARG C 15 -3.28 -33.81 7.83
CA ARG C 15 -3.87 -34.27 6.61
C ARG C 15 -2.85 -34.55 5.48
N TYR C 16 -1.94 -33.62 5.23
CA TYR C 16 -1.03 -33.68 4.05
C TYR C 16 0.37 -34.17 4.44
N GLU C 17 0.73 -35.39 4.02
CA GLU C 17 2.01 -35.95 4.33
C GLU C 17 2.99 -35.52 3.22
N ILE C 18 4.08 -34.85 3.62
CA ILE C 18 5.08 -34.41 2.68
C ILE C 18 5.86 -35.59 2.09
N VAL C 19 5.96 -35.63 0.75
CA VAL C 19 6.72 -36.61 0.01
C VAL C 19 8.11 -36.03 -0.28
N ASP C 20 8.17 -34.91 -0.99
CA ASP C 20 9.43 -34.25 -1.28
C ASP C 20 9.18 -32.83 -1.79
N THR C 21 10.24 -32.07 -2.01
CA THR C 21 10.19 -30.73 -2.48
C THR C 21 10.17 -30.69 -3.99
N LEU C 22 9.21 -29.95 -4.55
CA LEU C 22 9.11 -29.80 -5.98
C LEU C 22 9.92 -28.65 -6.47
N GLY C 23 9.99 -27.58 -5.68
CA GLY C 23 10.83 -26.45 -6.04
C GLY C 23 10.82 -25.39 -4.96
N GLU C 24 11.76 -24.44 -5.05
CA GLU C 24 11.93 -23.41 -4.07
C GLU C 24 12.01 -22.08 -4.77
N GLY C 25 11.58 -21.05 -4.07
CA GLY C 25 11.60 -19.71 -4.60
C GLY C 25 11.86 -18.74 -3.48
N ALA C 26 11.80 -17.45 -3.80
CA ALA C 26 12.03 -16.44 -2.79
C ALA C 26 10.96 -16.60 -1.70
N PHE C 27 9.77 -16.95 -2.15
CA PHE C 27 8.61 -17.00 -1.31
C PHE C 27 8.58 -18.11 -0.28
N GLY C 28 9.42 -19.14 -0.45
CA GLY C 28 9.33 -20.38 0.33
C GLY C 28 9.54 -21.60 -0.61
N LYS C 29 8.68 -22.62 -0.51
CA LYS C 29 8.85 -23.79 -1.32
C LYS C 29 7.51 -24.44 -1.66
N VAL C 30 7.51 -25.32 -2.66
CA VAL C 30 6.37 -26.11 -3.00
C VAL C 30 6.75 -27.58 -2.82
N VAL C 31 5.91 -28.30 -2.08
CA VAL C 31 6.16 -29.68 -1.75
C VAL C 31 5.04 -30.54 -2.29
N GLU C 32 5.37 -31.72 -2.75
CA GLU C 32 4.38 -32.73 -3.12
C GLU C 32 3.92 -33.39 -1.80
N CYS C 33 2.60 -33.53 -1.61
CA CYS C 33 2.03 -34.24 -0.45
C CYS C 33 0.98 -35.26 -0.82
N ILE C 34 0.88 -36.27 0.01
CA ILE C 34 -0.22 -37.24 -0.01
C ILE C 34 -1.33 -36.62 0.83
N ASP C 35 -2.51 -36.44 0.23
CA ASP C 35 -3.65 -35.91 0.97
C ASP C 35 -4.40 -37.11 1.57
N HIS C 36 -4.15 -37.37 2.84
CA HIS C 36 -4.76 -38.48 3.52
C HIS C 36 -6.25 -38.35 3.79
N LYS C 37 -6.81 -37.19 3.66
CA LYS C 37 -8.26 -37.08 3.69
C LYS C 37 -8.93 -37.07 2.34
N ALA C 38 -8.21 -37.08 1.23
CA ALA C 38 -8.84 -37.18 -0.10
C ALA C 38 -8.34 -38.47 -0.74
N GLY C 39 -8.38 -39.51 0.05
CA GLY C 39 -8.08 -40.88 -0.35
C GLY C 39 -6.70 -41.16 -0.84
N GLY C 40 -5.73 -40.35 -0.43
CA GLY C 40 -4.33 -40.54 -0.83
C GLY C 40 -3.90 -39.79 -2.07
N ARG C 41 -4.79 -38.95 -2.61
CA ARG C 41 -4.43 -38.20 -3.79
C ARG C 41 -3.23 -37.29 -3.55
N HIS C 42 -2.30 -37.24 -4.51
CA HIS C 42 -1.12 -36.37 -4.38
C HIS C 42 -1.48 -34.98 -4.81
N VAL C 43 -1.03 -34.02 -4.02
CA VAL C 43 -1.28 -32.62 -4.28
C VAL C 43 0.01 -31.84 -4.13
N ALA C 44 0.01 -30.60 -4.54
CA ALA C 44 1.16 -29.69 -4.30
C ALA C 44 0.78 -28.68 -3.25
N VAL C 45 1.67 -28.44 -2.26
CA VAL C 45 1.39 -27.48 -1.23
C VAL C 45 2.49 -26.43 -1.26
N LYS C 46 2.10 -25.18 -1.47
CA LYS C 46 3.01 -24.06 -1.36
C LYS C 46 3.10 -23.57 0.04
N ILE C 47 4.29 -23.70 0.66
CA ILE C 47 4.53 -23.26 2.00
C ILE C 47 5.26 -21.92 1.92
N VAL C 48 4.62 -20.93 2.47
CA VAL C 48 5.08 -19.58 2.31
C VAL C 48 5.91 -19.14 3.50
N LYS C 49 7.02 -18.49 3.24
CA LYS C 49 7.76 -17.89 4.33
C LYS C 49 6.90 -17.01 5.24
N ASN C 50 7.24 -17.02 6.52
CA ASN C 50 6.54 -16.18 7.47
C ASN C 50 7.19 -14.79 7.51
N VAL C 51 7.03 -14.07 6.42
CA VAL C 51 7.68 -12.79 6.17
C VAL C 51 6.58 -11.97 5.51
N ASP C 52 6.37 -10.75 5.98
CA ASP C 52 5.25 -9.90 5.57
CA ASP C 52 5.23 -9.91 5.59
C ASP C 52 5.03 -9.80 4.07
N ARG C 53 6.08 -9.51 3.32
CA ARG C 53 5.83 -9.36 1.90
C ARG C 53 5.33 -10.63 1.25
N TYR C 54 5.80 -11.80 1.71
CA TYR C 54 5.38 -13.03 1.11
C TYR C 54 4.00 -13.44 1.59
N CYS C 55 3.73 -13.23 2.86
CA CYS C 55 2.36 -13.41 3.42
C CYS C 55 1.31 -12.58 2.65
N GLU C 56 1.62 -11.34 2.40
CA GLU C 56 0.75 -10.45 1.60
C GLU C 56 0.52 -10.92 0.19
N ALA C 57 1.59 -11.35 -0.48
CA ALA C 57 1.46 -11.89 -1.82
C ALA C 57 0.65 -13.18 -1.83
N ALA C 58 0.85 -14.04 -0.83
CA ALA C 58 0.07 -15.26 -0.72
C ALA C 58 -1.45 -14.97 -0.53
N ARG C 59 -1.77 -14.02 0.31
CA ARG C 59 -3.15 -13.60 0.54
C ARG C 59 -3.78 -13.10 -0.80
N SER C 60 -3.02 -12.31 -1.53
CA SER C 60 -3.46 -11.82 -2.83
C SER C 60 -3.64 -12.96 -3.84
N GLU C 61 -2.69 -13.92 -3.91
CA GLU C 61 -2.80 -15.04 -4.77
C GLU C 61 -4.09 -15.78 -4.51
N ILE C 62 -4.41 -15.98 -3.22
CA ILE C 62 -5.63 -16.70 -2.87
C ILE C 62 -6.85 -15.99 -3.47
N GLN C 63 -6.89 -14.71 -3.31
CA GLN C 63 -8.04 -13.93 -3.84
C GLN C 63 -8.10 -14.01 -5.38
N VAL C 64 -6.97 -13.84 -6.04
CA VAL C 64 -6.93 -13.97 -7.51
C VAL C 64 -7.43 -15.36 -7.96
N LEU C 65 -6.93 -16.41 -7.35
CA LEU C 65 -7.35 -17.76 -7.72
C LEU C 65 -8.79 -18.09 -7.41
N GLU C 66 -9.37 -17.56 -6.33
CA GLU C 66 -10.79 -17.79 -6.04
C GLU C 66 -11.62 -17.21 -7.18
N HIS C 67 -11.20 -16.05 -7.65
CA HIS C 67 -11.83 -15.37 -8.81
C HIS C 67 -11.64 -16.22 -10.11
N LEU C 68 -10.40 -16.53 -10.47
CA LEU C 68 -10.12 -17.29 -11.73
C LEU C 68 -10.71 -18.67 -11.73
N ASN C 69 -10.57 -19.41 -10.62
CA ASN C 69 -11.08 -20.76 -10.61
C ASN C 69 -12.63 -20.81 -10.60
N THR C 70 -13.26 -19.80 -10.02
CA THR C 70 -14.68 -19.74 -10.01
C THR C 70 -15.21 -19.36 -11.38
N THR C 71 -14.56 -18.43 -12.05
CA THR C 71 -14.92 -18.04 -13.40
C THR C 71 -14.70 -19.13 -14.46
N ASP C 72 -13.61 -19.90 -14.29
CA ASP C 72 -13.21 -20.97 -15.19
C ASP C 72 -13.02 -22.26 -14.36
N PRO C 73 -14.11 -22.88 -13.89
CA PRO C 73 -14.00 -24.07 -13.04
C PRO C 73 -13.44 -25.31 -13.75
N ASN C 74 -13.53 -25.36 -15.09
CA ASN C 74 -12.95 -26.49 -15.82
C ASN C 74 -11.50 -26.22 -16.21
N SER C 75 -10.95 -25.08 -15.83
CA SER C 75 -9.58 -24.71 -16.24
C SER C 75 -9.39 -24.77 -17.76
N THR C 76 -10.43 -24.33 -18.50
CA THR C 76 -10.30 -24.17 -19.94
C THR C 76 -9.14 -23.28 -20.35
N PHE C 77 -8.86 -22.25 -19.57
CA PHE C 77 -7.80 -21.32 -19.88
C PHE C 77 -6.52 -21.58 -19.08
N ARG C 78 -6.47 -22.76 -18.46
CA ARG C 78 -5.18 -23.35 -18.00
C ARG C 78 -4.45 -22.59 -16.86
N CYS C 79 -5.22 -21.90 -16.03
CA CYS C 79 -4.74 -21.45 -14.75
C CYS C 79 -4.80 -22.60 -13.72
N VAL C 80 -3.77 -22.71 -12.91
CA VAL C 80 -3.74 -23.75 -11.89
C VAL C 80 -4.95 -23.70 -10.95
N GLN C 81 -5.44 -24.89 -10.58
CA GLN C 81 -6.54 -25.03 -9.65
C GLN C 81 -6.05 -24.99 -8.19
N MET C 82 -6.56 -24.08 -7.41
CA MET C 82 -6.32 -24.02 -5.97
C MET C 82 -7.41 -24.76 -5.23
N LEU C 83 -7.02 -25.70 -4.39
CA LEU C 83 -7.97 -26.55 -3.72
C LEU C 83 -8.35 -26.02 -2.34
N GLU C 84 -7.39 -25.46 -1.60
CA GLU C 84 -7.67 -24.87 -0.27
C GLU C 84 -6.43 -24.17 0.22
N TRP C 85 -6.57 -23.52 1.36
CA TRP C 85 -5.41 -22.98 2.04
C TRP C 85 -5.55 -23.18 3.53
N PHE C 86 -4.45 -23.12 4.26
CA PHE C 86 -4.49 -23.23 5.72
C PHE C 86 -3.20 -22.66 6.32
N GLU C 87 -3.12 -22.61 7.64
CA GLU C 87 -1.91 -22.12 8.32
C GLU C 87 -1.32 -23.25 9.11
N HIS C 88 0.01 -23.32 9.08
CA HIS C 88 0.72 -24.33 9.77
C HIS C 88 1.96 -23.78 10.40
N HIS C 89 1.98 -23.75 11.72
CA HIS C 89 3.07 -23.15 12.51
C HIS C 89 3.38 -21.74 11.99
N GLY C 90 2.35 -20.94 11.83
CA GLY C 90 2.52 -19.58 11.38
C GLY C 90 2.91 -19.38 9.92
N HIS C 91 2.90 -20.44 9.09
CA HIS C 91 3.12 -20.28 7.70
C HIS C 91 1.79 -20.49 6.94
N ILE C 92 1.52 -19.61 5.99
CA ILE C 92 0.42 -19.86 5.04
C ILE C 92 0.82 -20.98 4.08
N CYS C 93 -0.08 -21.93 3.86
CA CYS C 93 0.13 -22.99 2.96
C CYS C 93 -1.08 -23.00 1.98
N ILE C 94 -0.79 -23.08 0.69
CA ILE C 94 -1.83 -23.10 -0.36
C ILE C 94 -1.74 -24.42 -1.07
N VAL C 95 -2.86 -25.14 -1.09
CA VAL C 95 -2.92 -26.45 -1.71
C VAL C 95 -3.41 -26.31 -3.16
N PHE C 96 -2.70 -26.94 -4.08
CA PHE C 96 -3.04 -26.93 -5.49
C PHE C 96 -3.13 -28.35 -6.04
N GLU C 97 -3.78 -28.51 -7.20
CA GLU C 97 -3.58 -29.69 -7.97
C GLU C 97 -2.09 -29.90 -8.22
N LEU C 98 -1.67 -31.14 -8.28
CA LEU C 98 -0.28 -31.46 -8.56
C LEU C 98 -0.03 -31.38 -10.07
N LEU C 99 1.00 -30.70 -10.48
CA LEU C 99 1.41 -30.68 -11.89
C LEU C 99 2.79 -31.40 -12.07
N GLY C 100 3.33 -31.38 -13.26
CA GLY C 100 4.69 -31.90 -13.53
C GLY C 100 5.72 -30.81 -13.45
N LEU C 101 6.87 -31.11 -14.02
CA LEU C 101 8.01 -30.21 -14.01
C LEU C 101 7.68 -28.87 -14.63
N SER C 102 8.31 -27.82 -14.13
CA SER C 102 8.27 -26.55 -14.82
C SER C 102 9.03 -26.66 -16.16
N THR C 103 8.66 -25.77 -17.08
CA THR C 103 9.27 -25.78 -18.38
C THR C 103 10.75 -25.45 -18.20
N TYR C 104 11.09 -24.65 -17.21
CA TYR C 104 12.50 -24.38 -16.93
C TYR C 104 13.21 -25.68 -16.52
N ASP C 105 12.64 -26.40 -15.57
CA ASP C 105 13.34 -27.57 -15.05
C ASP C 105 13.44 -28.68 -16.05
N PHE C 106 12.47 -28.76 -16.97
CA PHE C 106 12.54 -29.73 -18.06
C PHE C 106 13.73 -29.45 -18.94
N ILE C 107 13.88 -28.17 -19.33
CA ILE C 107 15.04 -27.77 -20.13
C ILE C 107 16.34 -28.14 -19.39
N LYS C 108 16.40 -27.80 -18.14
CA LYS C 108 17.64 -27.95 -17.33
C LYS C 108 17.97 -29.44 -17.26
N GLU C 109 16.95 -30.25 -17.01
CA GLU C 109 17.20 -31.68 -16.90
C GLU C 109 17.51 -32.31 -18.22
N ASN C 110 17.13 -31.68 -19.34
CA ASN C 110 17.47 -32.15 -20.68
C ASN C 110 18.75 -31.50 -21.18
N GLY C 111 19.59 -31.04 -20.24
CA GLY C 111 20.93 -30.55 -20.61
C GLY C 111 20.91 -29.20 -21.35
N PHE C 112 19.88 -28.39 -21.09
CA PHE C 112 19.65 -27.07 -21.70
C PHE C 112 19.47 -27.12 -23.20
N LEU C 113 18.88 -28.21 -23.66
CA LEU C 113 18.49 -28.34 -25.06
C LEU C 113 17.09 -27.71 -25.22
N PRO C 114 16.89 -26.98 -26.32
CA PRO C 114 15.63 -26.26 -26.55
C PRO C 114 14.48 -27.25 -26.78
N PHE C 115 13.25 -26.79 -26.77
CA PHE C 115 12.11 -27.59 -27.16
C PHE C 115 12.00 -27.62 -28.70
N ARG C 116 11.45 -28.71 -29.23
CA ARG C 116 11.18 -28.83 -30.68
C ARG C 116 10.13 -27.79 -31.07
N LEU C 117 10.19 -27.30 -32.31
CA LEU C 117 9.32 -26.21 -32.73
C LEU C 117 7.84 -26.54 -32.65
N ASP C 118 7.42 -27.73 -32.98
CA ASP C 118 6.00 -28.07 -32.86
C ASP C 118 5.49 -28.01 -31.42
N HIS C 119 6.33 -28.38 -30.46
CA HIS C 119 5.98 -28.18 -29.06
C HIS C 119 5.94 -26.75 -28.63
N ILE C 120 6.89 -25.96 -29.13
CA ILE C 120 6.88 -24.54 -28.84
C ILE C 120 5.57 -23.93 -29.33
N ARG C 121 5.17 -24.29 -30.55
CA ARG C 121 3.93 -23.75 -31.09
C ARG C 121 2.72 -24.03 -30.19
N LYS C 122 2.61 -25.26 -29.72
CA LYS C 122 1.50 -25.65 -28.80
C LYS C 122 1.56 -24.97 -27.46
N MET C 123 2.77 -24.93 -26.91
CA MET C 123 2.97 -24.26 -25.64
C MET C 123 2.71 -22.76 -25.71
N ALA C 124 3.25 -22.11 -26.75
CA ALA C 124 3.03 -20.72 -26.95
C ALA C 124 1.53 -20.44 -27.05
N TYR C 125 0.81 -21.25 -27.76
CA TYR C 125 -0.61 -20.99 -27.96
C TYR C 125 -1.31 -21.04 -26.62
N GLN C 126 -1.00 -22.07 -25.86
CA GLN C 126 -1.63 -22.22 -24.53
C GLN C 126 -1.27 -21.13 -23.62
N ILE C 127 -0.02 -20.70 -23.64
CA ILE C 127 0.40 -19.58 -22.78
C ILE C 127 -0.37 -18.33 -23.17
N CYS C 128 -0.46 -18.04 -24.45
CA CYS C 128 -1.15 -16.83 -24.90
C CYS C 128 -2.62 -16.88 -24.55
N LYS C 129 -3.22 -18.04 -24.71
CA LYS C 129 -4.67 -18.20 -24.46
C LYS C 129 -4.95 -18.02 -22.96
N SER C 130 -4.07 -18.62 -22.13
CA SER C 130 -4.18 -18.49 -20.68
C SER C 130 -4.00 -17.05 -20.17
N VAL C 131 -2.96 -16.38 -20.60
CA VAL C 131 -2.68 -15.02 -20.16
C VAL C 131 -3.69 -14.04 -20.80
N ASN C 132 -4.12 -14.32 -22.03
CA ASN C 132 -5.24 -13.51 -22.61
C ASN C 132 -6.50 -13.58 -21.77
N PHE C 133 -6.77 -14.72 -21.17
CA PHE C 133 -7.89 -14.89 -20.24
C PHE C 133 -7.74 -13.99 -19.03
N LEU C 134 -6.51 -13.90 -18.49
CA LEU C 134 -6.27 -12.93 -17.41
C LEU C 134 -6.52 -11.56 -17.90
N HIS C 135 -5.96 -11.24 -19.06
CA HIS C 135 -6.14 -9.89 -19.63
C HIS C 135 -7.60 -9.55 -19.88
N SER C 136 -8.44 -10.52 -20.20
CA SER C 136 -9.86 -10.30 -20.38
C SER C 136 -10.56 -10.04 -19.05
N ASN C 137 -9.92 -10.36 -17.95
CA ASN C 137 -10.51 -10.24 -16.69
C ASN C 137 -9.80 -9.19 -15.87
N LYS C 138 -9.25 -8.22 -16.52
CA LYS C 138 -8.69 -7.03 -15.90
C LYS C 138 -7.48 -7.32 -15.00
N LEU C 139 -6.72 -8.33 -15.40
CA LEU C 139 -5.53 -8.76 -14.67
C LEU C 139 -4.31 -8.68 -15.55
N THR C 140 -3.19 -8.43 -14.88
CA THR C 140 -1.85 -8.56 -15.45
C THR C 140 -1.06 -9.51 -14.48
N HIS C 141 -0.40 -10.53 -15.03
CA HIS C 141 0.34 -11.55 -14.22
C HIS C 141 1.58 -10.93 -13.58
N THR C 142 2.37 -10.28 -14.42
CA THR C 142 3.55 -9.51 -14.10
C THR C 142 4.82 -10.38 -13.88
N ASP C 143 4.68 -11.67 -13.72
CA ASP C 143 5.85 -12.53 -13.34
C ASP C 143 5.90 -13.78 -14.14
N LEU C 144 5.62 -13.63 -15.46
CA LEU C 144 5.70 -14.75 -16.33
C LEU C 144 7.14 -15.08 -16.66
N LYS C 145 7.48 -16.39 -16.52
CA LYS C 145 8.82 -16.90 -16.71
C LYS C 145 8.70 -18.42 -16.82
N PRO C 146 9.73 -19.07 -17.37
CA PRO C 146 9.62 -20.50 -17.59
C PRO C 146 9.42 -21.34 -16.30
N GLU C 147 9.91 -20.84 -15.19
CA GLU C 147 9.66 -21.49 -13.89
C GLU C 147 8.20 -21.47 -13.50
N ASN C 148 7.41 -20.54 -14.04
CA ASN C 148 5.98 -20.39 -13.72
C ASN C 148 5.01 -20.96 -14.75
N ILE C 149 5.54 -21.64 -15.74
CA ILE C 149 4.78 -22.38 -16.70
C ILE C 149 5.13 -23.84 -16.44
N LEU C 150 4.14 -24.64 -16.06
CA LEU C 150 4.37 -26.07 -15.71
C LEU C 150 3.71 -26.98 -16.65
N PHE C 151 4.38 -28.10 -16.97
CA PHE C 151 3.72 -29.15 -17.73
C PHE C 151 2.69 -29.87 -16.86
N VAL C 152 1.52 -30.13 -17.43
CA VAL C 152 0.52 -30.90 -16.75
C VAL C 152 1.07 -32.33 -16.46
N GLN C 153 1.74 -32.92 -17.44
CA GLN C 153 2.47 -34.17 -17.31
C GLN C 153 3.81 -34.01 -18.00
N SER C 154 4.89 -34.20 -17.26
CA SER C 154 6.26 -34.03 -17.85
C SER C 154 6.92 -35.31 -18.32
N ASP C 155 6.15 -36.37 -18.43
CA ASP C 155 6.67 -37.63 -18.94
C ASP C 155 7.27 -37.44 -20.35
N TYR C 156 8.31 -38.23 -20.63
CA TYR C 156 9.05 -38.11 -21.84
C TYR C 156 9.54 -39.48 -22.32
N THR C 157 9.85 -39.55 -23.61
CA THR C 157 10.62 -40.63 -24.19
C THR C 157 12.04 -40.10 -24.39
N GLU C 158 13.01 -41.01 -24.46
CA GLU C 158 14.42 -40.67 -24.42
C GLU C 158 15.15 -41.45 -25.48
N ALA C 159 15.89 -40.78 -26.34
CA ALA C 159 16.70 -41.49 -27.33
C ALA C 159 18.03 -40.78 -27.55
N TYR C 160 19.03 -41.56 -27.91
CA TYR C 160 20.25 -41.01 -28.45
C TYR C 160 19.90 -40.27 -29.74
N ASN C 161 20.42 -39.05 -29.91
CA ASN C 161 20.30 -38.34 -31.19
C ASN C 161 21.68 -38.26 -31.85
N PRO C 162 21.82 -38.68 -33.13
CA PRO C 162 23.19 -38.69 -33.70
C PRO C 162 23.72 -37.29 -33.98
N LYS C 163 22.91 -36.43 -34.62
CA LYS C 163 23.25 -35.02 -34.85
C LYS C 163 23.81 -34.28 -33.61
N ILE C 164 23.26 -34.47 -32.41
CA ILE C 164 23.78 -33.80 -31.21
C ILE C 164 24.83 -34.61 -30.41
N LYS C 165 25.09 -35.83 -30.85
CA LYS C 165 25.94 -36.79 -30.13
C LYS C 165 25.60 -36.92 -28.64
N ARG C 166 24.32 -36.83 -28.28
CA ARG C 166 23.89 -36.88 -26.88
C ARG C 166 22.47 -37.46 -26.76
N ASP C 167 22.15 -38.12 -25.64
CA ASP C 167 20.75 -38.51 -25.32
C ASP C 167 19.83 -37.29 -25.15
N GLU C 168 18.54 -37.49 -25.41
CA GLU C 168 17.63 -36.40 -25.56
C GLU C 168 16.24 -36.82 -25.22
N ARG C 169 15.64 -36.05 -24.35
CA ARG C 169 14.31 -36.33 -23.90
C ARG C 169 13.32 -35.59 -24.79
N THR C 170 12.25 -36.28 -25.14
CA THR C 170 11.10 -35.69 -25.83
C THR C 170 9.81 -35.82 -25.06
N LEU C 171 9.18 -34.68 -24.78
CA LEU C 171 7.93 -34.70 -24.11
C LEU C 171 6.88 -35.50 -24.86
N ILE C 172 6.09 -36.22 -24.11
CA ILE C 172 4.94 -36.94 -24.61
C ILE C 172 3.72 -36.03 -24.80
N ASN C 173 3.38 -35.25 -23.78
CA ASN C 173 2.31 -34.29 -23.88
C ASN C 173 2.76 -32.89 -23.42
N PRO C 174 2.77 -31.90 -24.34
CA PRO C 174 3.33 -30.60 -24.01
C PRO C 174 2.34 -29.66 -23.35
N ASP C 175 1.14 -30.13 -23.00
CA ASP C 175 0.13 -29.29 -22.32
C ASP C 175 0.67 -28.61 -21.07
N ILE C 176 0.34 -27.33 -20.87
CA ILE C 176 0.88 -26.56 -19.74
C ILE C 176 -0.25 -25.94 -18.91
N LYS C 177 0.09 -25.44 -17.75
CA LYS C 177 -0.69 -24.54 -16.93
C LYS C 177 0.20 -23.41 -16.42
N VAL C 178 -0.41 -22.29 -16.11
CA VAL C 178 0.29 -21.13 -15.61
C VAL C 178 0.10 -21.09 -14.09
N VAL C 179 1.18 -20.84 -13.35
CA VAL C 179 1.12 -20.78 -11.85
C VAL C 179 1.63 -19.44 -11.37
N ASP C 180 1.56 -19.27 -10.05
CA ASP C 180 2.08 -18.17 -9.29
C ASP C 180 1.37 -16.84 -9.58
N PHE C 181 0.28 -16.62 -8.91
CA PHE C 181 -0.52 -15.44 -9.04
C PHE C 181 -0.37 -14.48 -7.85
N GLY C 182 0.75 -14.62 -7.14
CA GLY C 182 1.12 -13.70 -6.04
C GLY C 182 1.56 -12.29 -6.40
N SER C 183 1.78 -11.99 -7.67
CA SER C 183 2.06 -10.65 -8.14
C SER C 183 0.98 -10.12 -9.07
N ALA C 184 0.02 -10.97 -9.45
CA ALA C 184 -1.01 -10.59 -10.40
C ALA C 184 -1.81 -9.43 -9.86
N THR C 185 -2.06 -8.42 -10.69
CA THR C 185 -2.55 -7.17 -10.27
C THR C 185 -3.77 -6.78 -11.09
N TYR C 186 -4.83 -6.36 -10.44
CA TYR C 186 -6.04 -5.93 -11.13
C TYR C 186 -5.93 -4.52 -11.64
N ASP C 187 -6.63 -4.26 -12.74
CA ASP C 187 -6.61 -2.91 -13.37
C ASP C 187 -6.94 -1.84 -12.36
N ASP C 188 -7.83 -2.11 -11.41
CA ASP C 188 -8.23 -1.08 -10.45
C ASP C 188 -7.43 -1.00 -9.15
N GLU C 189 -6.35 -1.75 -9.05
CA GLU C 189 -5.45 -1.70 -7.92
C GLU C 189 -4.29 -0.91 -8.41
N HIS C 190 -3.48 -0.48 -7.46
CA HIS C 190 -2.37 0.37 -7.76
C HIS C 190 -1.28 -0.41 -8.48
N HIS C 191 -0.87 0.09 -9.63
CA HIS C 191 0.21 -0.55 -10.37
C HIS C 191 1.48 0.19 -10.03
N SER C 192 2.17 -0.23 -8.97
CA SER C 192 3.37 0.49 -8.54
C SER C 192 4.52 0.44 -9.55
N THR C 193 5.22 1.57 -9.74
CA THR C 193 6.44 1.59 -10.50
C THR C 193 7.57 0.86 -9.76
N LEU C 194 7.40 0.53 -8.48
CA LEU C 194 8.41 -0.26 -7.77
C LEU C 194 8.13 -1.67 -8.14
N VAL C 195 9.03 -2.26 -8.94
CA VAL C 195 8.96 -3.69 -9.25
C VAL C 195 10.29 -4.36 -9.02
N SER C 196 10.30 -5.50 -8.31
CA SER C 196 11.47 -6.36 -8.10
C SER C 196 12.18 -6.61 -9.46
N THR C 197 13.50 -6.80 -9.42
CA THR C 197 14.35 -7.02 -10.62
C THR C 197 14.20 -8.50 -11.20
N ARG C 198 14.07 -8.65 -12.55
CA ARG C 198 13.90 -9.96 -13.31
C ARG C 198 14.42 -9.89 -14.80
N HIS C 199 14.92 -11.02 -15.32
CA HIS C 199 15.27 -11.17 -16.75
C HIS C 199 14.08 -10.84 -17.71
N TYR C 200 12.83 -10.98 -17.25
CA TYR C 200 11.66 -11.03 -18.15
C TYR C 200 10.89 -9.72 -18.03
N ARG C 201 11.50 -8.74 -17.36
CA ARG C 201 10.93 -7.39 -17.16
C ARG C 201 10.91 -6.51 -18.47
N ALA C 202 9.75 -5.94 -18.80
CA ALA C 202 9.62 -5.08 -19.96
C ALA C 202 10.35 -3.78 -19.78
N PRO C 203 10.68 -3.14 -20.88
CA PRO C 203 11.37 -1.85 -20.77
C PRO C 203 10.57 -0.75 -20.06
N GLU C 204 9.24 -0.77 -20.17
CA GLU C 204 8.45 0.29 -19.46
C GLU C 204 8.51 0.09 -17.95
N VAL C 205 8.73 -1.15 -17.51
CA VAL C 205 8.88 -1.50 -16.10
C VAL C 205 10.25 -1.05 -15.60
N ILE C 206 11.29 -1.38 -16.35
CA ILE C 206 12.63 -0.91 -16.02
C ILE C 206 12.73 0.60 -15.92
N LEU C 207 12.10 1.29 -16.87
CA LEU C 207 12.16 2.73 -16.94
C LEU C 207 11.10 3.45 -16.07
N ALA C 208 10.31 2.67 -15.35
CA ALA C 208 9.31 3.17 -14.42
C ALA C 208 8.36 4.13 -15.13
N LEU C 209 7.86 3.71 -16.27
CA LEU C 209 7.00 4.52 -17.10
C LEU C 209 5.53 4.16 -16.90
N GLY C 210 5.24 3.19 -16.06
CA GLY C 210 3.92 2.67 -15.86
C GLY C 210 3.79 1.39 -16.67
N TRP C 211 2.95 0.50 -16.21
CA TRP C 211 2.78 -0.75 -16.89
C TRP C 211 1.35 -1.28 -16.77
N SER C 212 1.00 -2.23 -17.64
CA SER C 212 -0.26 -2.92 -17.57
C SER C 212 -0.10 -4.19 -18.40
N GLN C 213 -1.18 -4.69 -18.98
CA GLN C 213 -1.16 -5.95 -19.70
C GLN C 213 0.01 -6.13 -20.69
N PRO C 214 0.44 -5.07 -21.41
CA PRO C 214 1.52 -5.28 -22.38
C PRO C 214 2.83 -5.82 -21.77
N CYS C 215 3.07 -5.56 -20.49
CA CYS C 215 4.30 -6.11 -19.88
C CYS C 215 4.33 -7.63 -19.86
N ASP C 216 3.15 -8.30 -19.80
CA ASP C 216 3.06 -9.70 -19.91
C ASP C 216 3.44 -10.21 -21.28
N VAL C 217 3.08 -9.46 -22.30
CA VAL C 217 3.41 -9.83 -23.68
C VAL C 217 4.92 -9.84 -23.90
N TRP C 218 5.60 -8.81 -23.39
CA TRP C 218 7.04 -8.78 -23.39
C TRP C 218 7.63 -10.03 -22.77
N SER C 219 7.15 -10.38 -21.57
CA SER C 219 7.66 -11.57 -20.87
C SER C 219 7.48 -12.83 -21.70
N ILE C 220 6.33 -12.98 -22.30
CA ILE C 220 6.08 -14.12 -23.14
C ILE C 220 7.03 -14.20 -24.32
N GLY C 221 7.33 -13.06 -24.98
CA GLY C 221 8.33 -13.05 -26.00
C GLY C 221 9.70 -13.60 -25.51
N CYS C 222 10.10 -13.17 -24.34
CA CYS C 222 11.34 -13.64 -23.71
C CYS C 222 11.31 -15.14 -23.47
N ILE C 223 10.16 -15.64 -23.02
CA ILE C 223 9.99 -17.05 -22.77
C ILE C 223 10.14 -17.86 -24.02
N LEU C 224 9.47 -17.41 -25.08
CA LEU C 224 9.55 -18.16 -26.33
C LEU C 224 10.94 -18.27 -26.87
N ILE C 225 11.74 -17.18 -26.83
CA ILE C 225 13.07 -17.23 -27.33
C ILE C 225 13.95 -18.17 -26.48
N GLU C 226 13.69 -18.21 -25.19
CA GLU C 226 14.36 -19.19 -24.31
C GLU C 226 13.96 -20.67 -24.60
N TYR C 227 12.69 -20.92 -24.89
CA TYR C 227 12.27 -22.23 -25.37
C TYR C 227 12.97 -22.62 -26.63
N TYR C 228 13.17 -21.65 -27.52
CA TYR C 228 13.78 -21.93 -28.85
C TYR C 228 15.32 -22.14 -28.77
N LEU C 229 15.98 -21.45 -27.86
CA LEU C 229 17.42 -21.53 -27.77
C LEU C 229 17.92 -22.42 -26.65
N GLY C 230 17.12 -22.52 -25.56
CA GLY C 230 17.48 -23.34 -24.39
C GLY C 230 18.19 -22.45 -23.37
N PHE C 231 18.34 -21.17 -23.68
CA PHE C 231 19.00 -20.22 -22.76
C PHE C 231 18.38 -18.84 -22.92
N THR C 232 18.55 -17.99 -21.93
CA THR C 232 17.92 -16.67 -22.05
C THR C 232 18.87 -15.73 -22.82
N VAL C 233 18.31 -14.79 -23.55
CA VAL C 233 19.15 -13.82 -24.23
C VAL C 233 19.43 -12.58 -23.37
N PHE C 234 18.77 -12.47 -22.20
CA PHE C 234 19.08 -11.44 -21.22
C PHE C 234 19.66 -11.98 -19.90
N PRO C 235 20.88 -12.52 -19.92
CA PRO C 235 21.46 -13.10 -18.70
C PRO C 235 22.15 -12.00 -17.86
N THR C 236 21.36 -11.22 -17.16
CA THR C 236 21.86 -10.18 -16.28
C THR C 236 20.87 -9.93 -15.14
N HIS C 237 21.36 -9.36 -14.04
CA HIS C 237 20.49 -8.75 -13.00
C HIS C 237 20.96 -7.34 -12.65
N ASP C 238 21.51 -6.65 -13.65
CA ASP C 238 21.75 -5.25 -13.57
C ASP C 238 20.88 -4.57 -14.62
N SER C 239 20.14 -3.55 -14.20
CA SER C 239 19.18 -2.88 -15.07
C SER C 239 19.84 -2.17 -16.24
N LYS C 240 20.96 -1.51 -15.98
CA LYS C 240 21.62 -0.77 -17.08
C LYS C 240 22.16 -1.74 -18.13
N GLU C 241 22.80 -2.82 -17.66
CA GLU C 241 23.28 -3.88 -18.55
C GLU C 241 22.14 -4.51 -19.34
N HIS C 242 20.99 -4.64 -18.69
CA HIS C 242 19.82 -5.21 -19.33
C HIS C 242 19.38 -4.33 -20.50
N LEU C 243 19.38 -3.03 -20.27
CA LEU C 243 19.03 -2.11 -21.33
C LEU C 243 20.09 -2.16 -22.46
N ALA C 244 21.36 -2.31 -22.12
CA ALA C 244 22.43 -2.43 -23.13
C ALA C 244 22.22 -3.66 -23.99
N MET C 245 21.84 -4.75 -23.34
CA MET C 245 21.56 -6.01 -24.05
C MET C 245 20.37 -5.86 -24.97
N MET C 246 19.34 -5.18 -24.49
CA MET C 246 18.17 -4.91 -25.33
C MET C 246 18.58 -4.19 -26.59
N GLU C 247 19.44 -3.17 -26.46
CA GLU C 247 19.83 -2.36 -27.59
C GLU C 247 20.61 -3.15 -28.62
N ARG C 248 21.44 -4.07 -28.17
CA ARG C 248 22.18 -4.94 -29.03
C ARG C 248 21.26 -5.88 -29.79
N ILE C 249 20.22 -6.36 -29.16
CA ILE C 249 19.33 -7.36 -29.78
C ILE C 249 18.21 -6.73 -30.59
N LEU C 250 17.71 -5.60 -30.13
CA LEU C 250 16.53 -4.97 -30.70
C LEU C 250 16.78 -3.58 -31.27
N GLY C 251 17.99 -3.03 -31.14
CA GLY C 251 18.23 -1.63 -31.54
C GLY C 251 17.92 -0.62 -30.44
N PRO C 252 18.14 0.63 -30.72
CA PRO C 252 18.01 1.66 -29.70
C PRO C 252 16.57 1.90 -29.24
N LEU C 253 16.47 2.25 -27.97
CA LEU C 253 15.19 2.51 -27.35
C LEU C 253 14.52 3.71 -27.98
N PRO C 254 13.18 3.76 -27.97
CA PRO C 254 12.54 4.95 -28.53
C PRO C 254 12.88 6.20 -27.73
N LYS C 255 13.18 7.28 -28.44
CA LYS C 255 13.58 8.52 -27.79
C LYS C 255 12.49 9.05 -26.84
N HIS C 256 11.21 8.91 -27.21
CA HIS C 256 10.14 9.43 -26.35
C HIS C 256 10.12 8.69 -24.99
N MET C 257 10.52 7.44 -24.94
CA MET C 257 10.57 6.69 -23.68
C MET C 257 11.78 7.12 -22.88
N ILE C 258 12.90 7.35 -23.54
CA ILE C 258 14.07 7.85 -22.86
C ILE C 258 13.77 9.21 -22.26
N GLN C 259 13.11 10.07 -23.01
CA GLN C 259 12.79 11.40 -22.52
C GLN C 259 11.82 11.44 -21.34
N LYS C 260 10.90 10.48 -21.28
CA LYS C 260 9.89 10.45 -20.24
C LYS C 260 10.37 9.84 -18.93
N THR C 261 11.34 8.94 -18.96
CA THR C 261 11.68 8.18 -17.77
C THR C 261 12.21 9.05 -16.63
N ARG C 262 11.88 8.63 -15.40
CA ARG C 262 12.44 9.24 -14.21
C ARG C 262 13.84 8.74 -13.93
N LYS C 263 14.20 7.60 -14.51
CA LYS C 263 15.50 6.96 -14.26
C LYS C 263 16.60 7.58 -15.09
N ARG C 264 16.87 8.84 -14.79
CA ARG C 264 17.87 9.62 -15.52
C ARG C 264 19.25 8.98 -15.39
N LYS C 265 19.48 8.27 -14.29
CA LYS C 265 20.77 7.65 -14.06
C LYS C 265 21.28 6.73 -15.19
N TYR C 266 20.38 6.14 -15.96
CA TYR C 266 20.78 5.22 -17.02
C TYR C 266 21.26 5.96 -18.27
N PHE C 267 20.98 7.26 -18.37
CA PHE C 267 21.17 7.96 -19.63
C PHE C 267 22.08 9.18 -19.54
N HIS C 268 22.61 9.55 -20.69
CA HIS C 268 23.39 10.76 -20.78
C HIS C 268 23.08 11.34 -22.11
N HIS C 269 22.53 12.55 -22.08
CA HIS C 269 22.07 13.21 -23.30
C HIS C 269 21.24 12.29 -24.17
N ASP C 270 20.26 11.67 -23.52
CA ASP C 270 19.23 10.84 -24.16
C ASP C 270 19.73 9.63 -24.97
N ARG C 271 20.87 9.11 -24.57
CA ARG C 271 21.32 7.83 -25.04
C ARG C 271 21.82 7.06 -23.83
N LEU C 272 21.81 5.74 -23.94
CA LEU C 272 22.15 4.90 -22.81
C LEU C 272 23.58 5.17 -22.38
N ASP C 273 23.80 5.33 -21.07
CA ASP C 273 25.12 5.64 -20.55
C ASP C 273 25.89 4.35 -20.27
N TRP C 274 26.44 3.80 -21.35
CA TRP C 274 26.97 2.45 -21.36
C TRP C 274 28.26 2.44 -22.14
N ASP C 275 29.33 2.08 -21.47
CA ASP C 275 30.63 1.99 -22.10
C ASP C 275 30.77 0.62 -22.76
N GLU C 276 30.64 0.57 -24.08
CA GLU C 276 30.81 -0.67 -24.85
C GLU C 276 32.20 -1.33 -24.74
N HIS C 277 33.20 -0.55 -24.35
CA HIS C 277 34.57 -1.06 -24.27
C HIS C 277 35.00 -1.41 -22.83
N SER C 278 34.08 -1.25 -21.87
CA SER C 278 34.34 -1.74 -20.52
C SER C 278 34.28 -3.25 -20.53
N SER C 279 34.74 -3.84 -19.43
CA SER C 279 34.67 -5.27 -19.22
C SER C 279 33.24 -5.79 -19.48
N ALA C 280 32.28 -5.27 -18.73
CA ALA C 280 30.87 -5.62 -18.95
C ALA C 280 30.41 -5.37 -20.41
N GLY C 281 30.92 -4.28 -21.01
CA GLY C 281 30.51 -3.90 -22.36
C GLY C 281 30.97 -4.86 -23.43
N ARG C 282 32.21 -5.35 -23.30
CA ARG C 282 32.70 -6.37 -24.23
C ARG C 282 31.95 -7.71 -24.10
N TYR C 283 31.53 -8.04 -22.88
CA TYR C 283 30.70 -9.23 -22.64
C TYR C 283 29.34 -9.08 -23.34
N VAL C 284 28.70 -7.93 -23.21
CA VAL C 284 27.39 -7.70 -23.92
C VAL C 284 27.54 -7.84 -25.42
N SER C 285 28.62 -7.28 -26.00
CA SER C 285 28.80 -7.35 -27.44
C SER C 285 28.86 -8.77 -27.97
N ARG C 286 29.51 -9.68 -27.24
CA ARG C 286 29.61 -11.06 -27.73
C ARG C 286 28.44 -11.89 -27.36
N ALA C 287 27.86 -11.64 -26.20
CA ALA C 287 26.76 -12.47 -25.73
C ALA C 287 25.47 -12.18 -26.50
N CYS C 288 25.37 -10.96 -27.01
CA CYS C 288 24.10 -10.53 -27.60
C CYS C 288 24.32 -10.10 -29.01
N LYS C 289 23.28 -10.20 -29.82
CA LYS C 289 23.36 -9.84 -31.22
C LYS C 289 21.95 -9.63 -31.73
N PRO C 290 21.80 -9.06 -32.94
CA PRO C 290 20.46 -8.79 -33.39
C PRO C 290 19.57 -10.03 -33.37
N LEU C 291 18.35 -9.80 -33.01
CA LEU C 291 17.37 -10.86 -32.75
C LEU C 291 17.39 -11.99 -33.80
N LYS C 292 17.29 -11.61 -35.07
CA LYS C 292 17.10 -12.63 -36.11
C LYS C 292 18.31 -13.46 -36.28
N GLU C 293 19.48 -12.96 -35.86
CA GLU C 293 20.68 -13.76 -35.97
C GLU C 293 20.67 -14.96 -35.03
N PHE C 294 19.77 -14.99 -34.03
CA PHE C 294 19.59 -16.19 -33.21
C PHE C 294 18.82 -17.34 -33.86
N MET C 295 18.20 -17.09 -35.01
CA MET C 295 17.49 -18.15 -35.69
C MET C 295 18.38 -19.31 -36.08
N LEU C 296 17.89 -20.53 -35.89
CA LEU C 296 18.71 -21.69 -36.15
C LEU C 296 18.46 -22.24 -37.52
N SER C 297 17.45 -21.73 -38.19
CA SER C 297 17.05 -22.19 -39.51
C SER C 297 16.36 -21.02 -40.19
N GLN C 298 16.42 -21.01 -41.52
CA GLN C 298 15.71 -20.02 -42.32
C GLN C 298 14.35 -20.52 -42.78
N ASP C 299 13.99 -21.75 -42.43
CA ASP C 299 12.73 -22.33 -42.80
C ASP C 299 11.57 -21.43 -42.39
N VAL C 300 10.49 -21.44 -43.17
CA VAL C 300 9.39 -20.51 -42.92
C VAL C 300 8.73 -20.61 -41.55
N GLU C 301 8.62 -21.80 -40.96
CA GLU C 301 8.02 -21.89 -39.62
CA GLU C 301 8.06 -21.99 -39.64
C GLU C 301 8.89 -21.20 -38.58
N HIS C 302 10.21 -21.21 -38.77
CA HIS C 302 11.10 -20.45 -37.87
C HIS C 302 10.91 -18.94 -38.11
N GLU C 303 10.78 -18.52 -39.38
CA GLU C 303 10.50 -17.14 -39.66
C GLU C 303 9.19 -16.69 -39.06
N ARG C 304 8.17 -17.54 -39.08
CA ARG C 304 6.91 -17.18 -38.43
C ARG C 304 7.06 -16.99 -36.92
N LEU C 305 7.74 -17.91 -36.28
CA LEU C 305 7.96 -17.74 -34.84
C LEU C 305 8.67 -16.40 -34.57
N PHE C 306 9.74 -16.13 -35.28
CA PHE C 306 10.53 -14.93 -34.99
C PHE C 306 9.79 -13.65 -35.29
N ASP C 307 8.89 -13.69 -36.28
CA ASP C 307 8.04 -12.51 -36.53
C ASP C 307 7.18 -12.23 -35.31
N LEU C 308 6.61 -13.28 -34.74
CA LEU C 308 5.78 -13.14 -33.58
C LEU C 308 6.61 -12.65 -32.33
N ILE C 309 7.75 -13.29 -32.12
CA ILE C 309 8.65 -12.84 -31.01
C ILE C 309 9.04 -11.35 -31.21
N GLN C 310 9.38 -10.95 -32.43
CA GLN C 310 9.75 -9.56 -32.67
C GLN C 310 8.63 -8.62 -32.29
N LYS C 311 7.41 -9.00 -32.60
CA LYS C 311 6.28 -8.13 -32.28
C LYS C 311 5.98 -8.07 -30.80
N MET C 312 6.18 -9.19 -30.13
CA MET C 312 6.07 -9.22 -28.65
C MET C 312 7.16 -8.35 -27.94
N LEU C 313 8.30 -8.23 -28.60
CA LEU C 313 9.44 -7.46 -28.07
C LEU C 313 9.53 -6.02 -28.66
N GLU C 314 8.40 -5.49 -29.10
CA GLU C 314 8.24 -4.07 -29.39
C GLU C 314 8.46 -3.26 -28.11
N TYR C 315 9.34 -2.27 -28.21
CA TYR C 315 9.73 -1.49 -27.08
C TYR C 315 8.56 -0.70 -26.49
N ASP C 316 7.77 -0.13 -27.36
CA ASP C 316 6.74 0.78 -26.90
C ASP C 316 5.50 -0.05 -26.55
N PRO C 317 5.09 -0.04 -25.28
CA PRO C 317 3.97 -0.94 -24.95
C PRO C 317 2.63 -0.55 -25.61
N ALA C 318 2.49 0.69 -26.03
CA ALA C 318 1.28 1.08 -26.76
C ALA C 318 1.27 0.51 -28.19
N LYS C 319 2.42 0.08 -28.71
CA LYS C 319 2.49 -0.50 -30.06
C LYS C 319 2.65 -1.98 -30.06
N ARG C 320 2.91 -2.56 -28.89
CA ARG C 320 3.17 -3.96 -28.85
C ARG C 320 1.92 -4.78 -29.20
N ILE C 321 2.13 -5.91 -29.81
CA ILE C 321 1.03 -6.81 -30.12
C ILE C 321 0.30 -7.18 -28.82
N THR C 322 -1.02 -7.27 -28.90
CA THR C 322 -1.84 -7.84 -27.83
C THR C 322 -1.92 -9.36 -28.00
N LEU C 323 -2.26 -10.08 -26.91
CA LEU C 323 -2.40 -11.49 -26.98
C LEU C 323 -3.60 -11.92 -27.86
N ARG C 324 -4.61 -11.12 -27.87
CA ARG C 324 -5.74 -11.35 -28.77
C ARG C 324 -5.30 -11.41 -30.25
N GLU C 325 -4.37 -10.52 -30.63
CA GLU C 325 -3.87 -10.48 -31.98
C GLU C 325 -2.84 -11.60 -32.14
N ALA C 326 -2.07 -11.88 -31.09
CA ALA C 326 -1.05 -12.92 -31.20
C ALA C 326 -1.67 -14.26 -31.49
N LEU C 327 -2.84 -14.50 -30.93
CA LEU C 327 -3.51 -15.82 -31.08
C LEU C 327 -3.93 -16.06 -32.56
N LYS C 328 -3.97 -14.97 -33.34
CA LYS C 328 -4.26 -15.05 -34.79
C LYS C 328 -3.07 -15.01 -35.71
N HIS C 329 -1.88 -15.02 -35.13
CA HIS C 329 -0.67 -14.93 -35.90
C HIS C 329 -0.46 -16.21 -36.72
N PRO C 330 0.15 -16.08 -37.92
CA PRO C 330 0.37 -17.28 -38.77
C PRO C 330 1.14 -18.45 -38.16
N PHE C 331 2.02 -18.18 -37.20
CA PHE C 331 2.77 -19.23 -36.50
C PHE C 331 1.77 -20.28 -35.96
N PHE C 332 0.55 -19.85 -35.59
CA PHE C 332 -0.43 -20.76 -35.05
C PHE C 332 -1.33 -21.43 -36.04
N ASP C 333 -1.19 -21.10 -37.31
CA ASP C 333 -2.09 -21.70 -38.33
C ASP C 333 -2.02 -23.25 -38.36
N LEU C 334 -0.84 -23.83 -38.16
CA LEU C 334 -0.72 -25.31 -38.11
C LEU C 334 -1.57 -25.96 -37.01
N LEU C 335 -1.96 -25.23 -35.98
CA LEU C 335 -2.81 -25.83 -34.94
C LEU C 335 -4.29 -25.86 -35.28
N LYS C 336 -4.68 -25.20 -36.36
CA LYS C 336 -6.09 -24.96 -36.60
C LYS C 336 -6.57 -25.89 -37.73
N LYS C 337 -7.76 -26.50 -37.55
CA LYS C 337 -8.31 -27.61 -38.38
C LYS C 337 -9.19 -27.09 -39.50
C4 E6W D . 13.44 29.53 -5.77
C4 E6W D . 13.61 29.52 -5.75
C5 E6W D . 14.79 29.05 -6.07
C5 E6W D . 14.93 29.07 -6.18
C6 E6W D . 15.15 27.63 -6.40
C6 E6W D . 15.26 27.65 -6.46
N1 E6W D . 10.94 33.14 -4.35
N1 E6W D . 11.04 33.13 -4.40
C7 E6W D . 15.61 27.30 -7.67
C7 E6W D . 15.70 27.26 -7.73
C8 E6W D . 16.01 26.01 -7.96
C8 E6W D . 16.04 25.93 -7.98
C9 E6W D . 15.94 25.03 -6.99
C9 E6W D . 15.94 24.99 -6.98
C10 E6W D . 15.47 25.34 -5.73
C10 E6W D . 15.50 25.36 -5.73
C11 E6W D . 15.07 26.63 -5.43
C11 E6W D . 15.16 26.67 -5.47
C12 E6W D . 15.54 30.17 -5.94
C12 E6W D . 15.69 30.20 -6.21
C13 E6W D . 13.54 30.92 -5.52
C13 E6W D . 13.71 30.92 -5.53
C14 E6W D . 12.41 31.62 -5.11
C14 E6W D . 12.56 31.62 -5.08
C15 E6W D . 12.22 33.03 -4.72
C15 E6W D . 12.34 33.02 -4.75
BR E6W D . 17.39 30.17 -5.88
N E6W D . 14.85 31.28 -5.66
N E6W D . 15.00 31.30 -5.81
C3 E6W D . 12.22 28.89 -5.64
C3 E6W D . 12.39 28.88 -5.58
C2 E6W D . 11.09 29.60 -5.25
C2 E6W D . 11.27 29.58 -5.19
C1 E6W D . 11.20 30.96 -4.96
C1 E6W D . 11.36 30.93 -4.92
O E6W D . 13.04 33.95 -4.73
O E6W D . 13.13 33.95 -4.76
C E6W D . 10.18 31.91 -4.42
C E6W D . 10.31 31.88 -4.44
BR BR E . 19.55 30.22 -4.74
P PO4 F . 18.21 1.19 -5.75
O1 PO4 F . 18.41 0.06 -4.76
O2 PO4 F . 19.53 1.92 -5.94
O3 PO4 F . 17.63 0.64 -7.06
O4 PO4 F . 17.23 2.21 -5.18
C1 GOL G . 35.20 23.32 7.51
O1 GOL G . 34.61 24.41 8.17
C2 GOL G . 36.67 23.32 7.82
O2 GOL G . 37.12 22.11 7.22
C3 GOL G . 37.35 24.56 7.24
O3 GOL G . 38.70 24.23 6.92
C1 GOL H . 36.41 17.43 16.34
O1 GOL H . 35.67 16.58 17.23
C2 GOL H . 36.47 16.85 14.92
O2 GOL H . 37.35 15.72 14.84
C3 GOL H . 35.07 16.44 14.54
O3 GOL H . 35.08 15.57 13.40
NA NA I . 18.90 10.48 4.39
C1 GOL J . 27.34 32.55 9.90
O1 GOL J . 26.14 31.80 9.99
C2 GOL J . 28.12 32.28 8.62
O2 GOL J . 27.64 33.15 7.53
C3 GOL J . 29.62 32.47 8.94
O3 GOL J . 29.89 33.37 10.03
C4 E6W K . -15.84 -1.49 24.39
C4 E6W K . -15.90 -1.41 24.40
C5 E6W K . -17.09 -0.83 24.76
C5 E6W K . -17.13 -0.81 24.88
C6 E6W K . -18.42 -1.52 24.74
C6 E6W K . -18.46 -1.49 24.82
N1 E6W K . -11.35 -0.80 23.58
N1 E6W K . -11.41 -0.76 23.62
C7 E6W K . -19.18 -1.62 25.91
C7 E6W K . -19.25 -1.60 25.95
C8 E6W K . -20.44 -2.21 25.88
C8 E6W K . -20.50 -2.19 25.87
C9 E6W K . -20.95 -2.71 24.69
C9 E6W K . -20.97 -2.70 24.68
C10 E6W K . -20.21 -2.60 23.53
C10 E6W K . -20.19 -2.58 23.53
C11 E6W K . -18.95 -2.01 23.55
C11 E6W K . -18.94 -1.98 23.60
C12 E6W K . -16.70 0.46 25.01
C12 E6W K . -16.74 0.45 25.26
C13 E6W K . -14.83 -0.50 24.47
C13 E6W K . -14.89 -0.43 24.50
C14 E6W K . -13.54 -0.81 24.09
C14 E6W K . -13.61 -0.75 24.10
C15 E6W K . -12.33 0.01 24.05
C15 E6W K . -12.37 0.05 24.09
BR E6W K . -17.84 1.89 25.29
N E6W K . -15.38 0.68 24.89
N E6W K . -15.43 0.71 25.05
C3 E6W K . -15.52 -2.76 23.92
C3 E6W K . -15.60 -2.68 23.90
C2 E6W K . -14.23 -3.04 23.53
C2 E6W K . -14.31 -2.97 23.50
C1 E6W K . -13.25 -2.07 23.62
C1 E6W K . -13.32 -2.01 23.61
O E6W K . -12.18 1.18 24.39
O E6W K . -12.21 1.22 24.43
C E6W K . -11.79 -2.15 23.28
C E6W K . -11.86 -2.10 23.31
BR BR L . -19.30 3.63 24.19
P PO4 M . -38.91 -16.87 16.79
O1 PO4 M . -38.83 -18.08 15.87
O2 PO4 M . -38.62 -17.33 18.21
O3 PO4 M . -40.27 -16.17 16.75
O4 PO4 M . -37.81 -15.90 16.47
C1 GOL N . -38.81 8.49 8.00
O1 GOL N . -38.34 9.40 9.04
C2 GOL N . -40.04 7.70 8.47
O2 GOL N . -40.36 6.64 7.55
C3 GOL N . -39.82 7.14 9.85
O3 GOL N . -40.57 5.92 9.98
NA NA O . -32.27 -7.37 9.98
C4 E6W P . 5.03 -25.11 -8.35
C4 E6W P . 5.16 -25.20 -8.43
C5 E6W P . 6.46 -25.16 -8.57
C5 E6W P . 6.61 -25.31 -8.55
C6 E6W P . 7.35 -23.98 -8.41
C6 E6W P . 7.50 -24.14 -8.46
N1 E6W P . 1.06 -27.47 -8.64
N1 E6W P . 1.11 -27.44 -8.61
C7 E6W P . 7.34 -22.95 -9.35
C7 E6W P . 7.46 -23.12 -9.42
C8 E6W P . 8.25 -21.92 -9.26
C8 E6W P . 8.28 -22.02 -9.30
C9 E6W P . 9.16 -21.88 -8.23
C9 E6W P . 9.14 -21.90 -8.23
C10 E6W P . 9.16 -22.87 -7.27
C10 E6W P . 9.17 -22.88 -7.26
C11 E6W P . 8.25 -23.92 -7.35
C11 E6W P . 8.37 -24.00 -7.37
C12 E6W P . 6.70 -26.47 -8.90
C12 E6W P . 6.81 -26.66 -8.74
C13 E6W P . 4.53 -26.42 -8.58
C13 E6W P . 4.62 -26.50 -8.61
C14 E6W P . 3.15 -26.63 -8.56
C14 E6W P . 3.23 -26.66 -8.59
C15 E6W P . 2.34 -27.85 -8.75
C15 E6W P . 2.38 -27.85 -8.75
BR E6W P . 8.31 -27.15 -9.56
N E6W P . 5.58 -27.24 -8.89
N E6W P . 5.66 -27.37 -8.80
C3 E6W P . 4.16 -24.08 -8.04
C3 E6W P . 4.32 -24.13 -8.17
C2 E6W P . 2.80 -24.32 -7.99
C2 E6W P . 2.95 -24.33 -8.12
C1 E6W P . 2.29 -25.58 -8.27
C1 E6W P . 2.41 -25.58 -8.33
O E6W P . 2.73 -28.99 -8.98
O E6W P . 2.71 -29.01 -8.98
C E6W P . 0.88 -26.07 -8.31
C E6W P . 0.98 -26.02 -8.30
BR BR Q . 9.86 -28.06 -11.39
P PO4 R . 4.27 4.62 -7.19
O1 PO4 R . 4.01 3.37 -6.38
O2 PO4 R . 4.55 4.28 -8.65
O3 PO4 R . 5.47 5.26 -6.54
O4 PO4 R . 3.05 5.53 -7.18
C1 GOL S . -1.02 -6.22 -6.65
O1 GOL S . -1.77 -5.21 -5.95
C2 GOL S . -0.08 -6.92 -5.69
O2 GOL S . -0.43 -6.59 -4.35
C3 GOL S . -0.14 -8.42 -5.76
O3 GOL S . 0.53 -8.97 -4.61
NA NA T . 13.30 -8.54 -20.44
#